data_6CN0
#
_entry.id   6CN0
#
_cell.length_a   158.318
_cell.length_b   158.318
_cell.length_c   122.892
_cell.angle_alpha   90.00
_cell.angle_beta   90.00
_cell.angle_gamma   120.00
#
_symmetry.space_group_name_H-M   'P 61'
#
loop_
_entity.id
_entity.type
_entity.pdbx_description
1 polymer '16S rRNA (guanine(1405)-N(7))-methyltransferase'
2 non-polymer 'SULFATE ION'
3 non-polymer 'CHLORIDE ION'
4 non-polymer 'CITRIC ACID'
5 water water
#
_entity_poly.entity_id   1
_entity_poly.type   'polypeptide(L)'
_entity_poly.pdbx_seq_one_letter_code
;SNAMKTNDNYIEEVTAKVLTSGKYSTLYPPTVRRVTERLFDRYPPKQLEKEVRKKLHQAYGAYIGGIDGKRLEKKIEKII
HEIPNPTTDEATRTEWEKEICLKILNLHTSTNERTVAYDELYQKIFEVTGVPTSITDAGCALNPFSFPFFTEAGMLGQYI
GFDLDKGMIEAIEHSLRTLNAPEGIVVKQGDILSDPSGESDLLLMFKLYTLLDRQEEASGLKILQEWKYKNAVISFPIKT
ISGRDVGMEENYTVKFENDLVGSDLRIMQKLKLGNEMYFIVSRL
;
_entity_poly.pdbx_strand_id   A,B,C,D
#
# COMPACT_ATOMS: atom_id res chain seq x y z
N THR A 6 11.90 11.95 44.64
CA THR A 6 11.54 13.23 43.94
C THR A 6 12.68 13.74 43.03
N ASN A 7 13.70 12.92 42.80
CA ASN A 7 14.85 13.31 41.96
C ASN A 7 14.49 13.16 40.48
N ASP A 8 13.97 11.98 40.12
CA ASP A 8 13.56 11.69 38.73
C ASP A 8 12.19 12.28 38.38
N ASN A 9 11.50 12.86 39.37
CA ASN A 9 10.19 13.48 39.15
C ASN A 9 10.31 14.73 38.30
N TYR A 10 11.25 15.61 38.65
CA TYR A 10 11.47 16.84 37.87
C TYR A 10 11.69 16.51 36.41
N ILE A 11 12.50 15.49 36.14
CA ILE A 11 12.77 15.05 34.78
C ILE A 11 11.46 14.66 34.09
N GLU A 12 10.64 13.83 34.73
CA GLU A 12 9.38 13.39 34.13
C GLU A 12 8.34 14.52 34.06
N GLU A 13 8.28 15.37 35.10
CA GLU A 13 7.35 16.49 35.12
C GLU A 13 7.68 17.51 34.03
N VAL A 14 8.96 17.86 33.91
CA VAL A 14 9.43 18.81 32.89
C VAL A 14 9.13 18.28 31.49
N THR A 15 9.48 17.01 31.25
CA THR A 15 9.25 16.39 29.94
C THR A 15 7.77 16.28 29.62
N ALA A 16 6.96 15.98 30.62
CA ALA A 16 5.51 15.87 30.42
C ALA A 16 4.92 17.24 30.09
N LYS A 17 5.48 18.29 30.71
CA LYS A 17 5.02 19.67 30.47
C LYS A 17 5.47 20.16 29.08
N VAL A 18 6.60 19.66 28.60
CA VAL A 18 7.09 20.02 27.26
C VAL A 18 6.22 19.31 26.21
N LEU A 19 5.81 18.08 26.50
CA LEU A 19 4.99 17.27 25.59
C LEU A 19 3.52 17.69 25.55
N THR A 20 2.95 18.02 26.71
CA THR A 20 1.55 18.43 26.79
C THR A 20 1.27 19.72 25.99
N SER A 21 2.30 20.56 25.85
CA SER A 21 2.18 21.82 25.09
C SER A 21 2.15 21.52 23.59
N GLY A 22 1.43 22.36 22.84
CA GLY A 22 1.27 22.20 21.40
C GLY A 22 2.51 22.35 20.51
N LYS A 23 3.52 23.08 20.98
CA LYS A 23 4.74 23.30 20.19
C LYS A 23 5.52 22.01 19.91
N TYR A 24 6.15 21.46 20.95
CA TYR A 24 6.93 20.22 20.81
C TYR A 24 6.06 19.02 21.19
N SER A 25 4.87 18.95 20.58
CA SER A 25 3.93 17.88 20.86
C SER A 25 4.32 16.57 20.18
N THR A 26 4.10 16.49 18.87
CA THR A 26 4.40 15.27 18.10
C THR A 26 5.91 15.12 17.88
N LEU A 27 6.59 14.75 18.96
CA LEU A 27 8.02 14.55 19.01
C LEU A 27 8.22 13.36 19.92
N TYR A 28 8.95 12.37 19.43
CA TYR A 28 9.22 11.14 20.16
C TYR A 28 9.54 11.49 21.63
N PRO A 29 8.66 11.10 22.57
CA PRO A 29 8.88 11.43 23.98
C PRO A 29 10.22 11.07 24.61
N PRO A 30 10.81 9.90 24.25
CA PRO A 30 12.12 9.57 24.83
C PRO A 30 13.21 10.59 24.46
N THR A 31 13.09 11.20 23.28
CA THR A 31 14.02 12.22 22.83
C THR A 31 13.94 13.41 23.80
N VAL A 32 12.72 13.80 24.16
CA VAL A 32 12.51 14.92 25.10
C VAL A 32 13.10 14.57 26.46
N ARG A 33 12.87 13.34 26.92
CA ARG A 33 13.42 12.88 28.21
C ARG A 33 14.93 12.87 28.21
N ARG A 34 15.56 12.51 27.08
CA ARG A 34 17.01 12.48 27.05
C ARG A 34 17.65 13.84 27.25
N VAL A 35 17.18 14.83 26.50
CA VAL A 35 17.72 16.18 26.62
C VAL A 35 17.52 16.61 28.06
N THR A 36 16.28 16.51 28.54
CA THR A 36 15.93 16.87 29.90
C THR A 36 16.83 16.20 30.92
N GLU A 37 17.09 14.90 30.73
CA GLU A 37 17.94 14.13 31.64
C GLU A 37 19.42 14.52 31.55
N ARG A 38 19.84 14.98 30.38
CA ARG A 38 21.23 15.41 30.17
C ARG A 38 21.49 16.82 30.73
N LEU A 39 20.49 17.71 30.61
CA LEU A 39 20.61 19.08 31.10
C LEU A 39 20.40 19.18 32.61
N PHE A 40 19.68 18.23 33.19
CA PHE A 40 19.43 18.19 34.63
C PHE A 40 20.73 18.02 35.43
N ASP A 41 21.73 17.37 34.83
CA ASP A 41 23.02 17.14 35.48
C ASP A 41 23.91 18.39 35.54
N ARG A 42 23.55 19.47 34.82
CA ARG A 42 24.39 20.68 34.80
C ARG A 42 23.67 22.04 34.88
N TYR A 43 22.36 22.05 35.13
CA TYR A 43 21.60 23.31 35.28
C TYR A 43 20.57 23.20 36.41
N PRO A 44 20.30 24.32 37.11
CA PRO A 44 19.33 24.29 38.22
C PRO A 44 17.96 23.71 37.84
N PRO A 45 17.38 22.84 38.71
CA PRO A 45 16.06 22.21 38.51
C PRO A 45 14.98 23.17 38.02
N LYS A 46 14.97 24.38 38.58
CA LYS A 46 14.02 25.40 38.17
C LYS A 46 14.59 26.09 36.93
N GLN A 47 13.70 26.47 36.02
CA GLN A 47 14.07 27.09 34.74
C GLN A 47 14.74 26.08 33.77
N LEU A 48 14.57 24.78 34.04
CA LEU A 48 15.10 23.72 33.17
C LEU A 48 14.24 23.69 31.91
N GLU A 49 12.93 23.87 32.13
CA GLU A 49 11.93 23.92 31.06
C GLU A 49 12.28 24.98 30.01
N LYS A 50 12.90 26.08 30.45
CA LYS A 50 13.31 27.15 29.53
C LYS A 50 14.49 26.68 28.66
N GLU A 51 15.45 26.00 29.28
CA GLU A 51 16.63 25.54 28.56
C GLU A 51 16.43 24.26 27.76
N VAL A 52 15.49 23.41 28.17
CA VAL A 52 15.22 22.20 27.36
C VAL A 52 14.59 22.70 26.06
N ARG A 53 13.58 23.59 26.16
CA ARG A 53 12.96 24.18 24.97
C ARG A 53 13.98 24.94 24.14
N LYS A 54 14.95 25.55 24.81
CA LYS A 54 16.00 26.29 24.13
C LYS A 54 16.80 25.36 23.21
N LYS A 55 17.08 24.14 23.66
CA LYS A 55 17.84 23.20 22.82
C LYS A 55 16.96 22.48 21.79
N LEU A 56 15.64 22.49 22.01
CA LEU A 56 14.71 21.88 21.05
C LEU A 56 14.52 22.82 19.85
N HIS A 57 14.54 24.13 20.10
CA HIS A 57 14.44 25.14 19.03
C HIS A 57 15.68 25.11 18.13
N GLN A 58 16.83 24.80 18.74
CA GLN A 58 18.11 24.74 18.03
C GLN A 58 18.33 23.46 17.22
N ALA A 59 18.58 22.36 17.93
CA ALA A 59 18.89 21.07 17.28
C ALA A 59 17.69 20.29 16.74
N TYR A 60 16.59 20.26 17.49
CA TYR A 60 15.39 19.50 17.09
C TYR A 60 14.33 20.28 16.32
N GLY A 61 14.41 21.60 16.35
CA GLY A 61 13.45 22.44 15.63
C GLY A 61 13.58 22.32 14.12
N ALA A 62 14.76 21.94 13.65
CA ALA A 62 15.05 21.79 12.22
C ALA A 62 14.21 20.83 11.35
N TYR A 63 14.19 19.55 11.71
CA TYR A 63 13.30 18.57 11.04
C TYR A 63 11.85 18.56 11.54
N ILE A 64 11.58 19.23 12.68
CA ILE A 64 10.22 19.33 13.22
C ILE A 64 9.50 20.52 12.55
N GLY A 65 10.25 21.58 12.28
CA GLY A 65 9.70 22.77 11.61
C GLY A 65 9.65 22.56 10.10
N GLY A 66 8.49 22.80 9.50
CA GLY A 66 8.30 22.62 8.05
C GLY A 66 7.57 21.36 7.68
N ILE A 67 7.79 20.29 8.45
CA ILE A 67 7.14 18.99 8.23
C ILE A 67 5.75 19.00 8.84
N ASP A 68 4.73 18.95 7.98
CA ASP A 68 3.33 18.92 8.38
C ASP A 68 2.76 17.57 7.93
N GLY A 69 2.39 16.74 8.92
CA GLY A 69 1.86 15.39 8.68
C GLY A 69 0.80 15.21 7.61
N LYS A 70 -0.29 15.97 7.69
CA LYS A 70 -1.36 15.86 6.71
C LYS A 70 -0.94 16.45 5.36
N ARG A 71 -0.21 17.57 5.41
CA ARG A 71 0.29 18.25 4.21
C ARG A 71 1.19 17.33 3.38
N LEU A 72 2.07 16.60 4.06
CA LEU A 72 2.98 15.68 3.38
C LEU A 72 2.18 14.59 2.68
N GLU A 73 1.26 13.97 3.42
CA GLU A 73 0.42 12.90 2.88
C GLU A 73 -0.40 13.39 1.67
N LYS A 74 -0.83 14.66 1.68
CA LYS A 74 -1.58 15.21 0.54
C LYS A 74 -0.72 15.19 -0.70
N LYS A 75 0.50 15.73 -0.60
CA LYS A 75 1.44 15.80 -1.73
C LYS A 75 1.79 14.42 -2.27
N ILE A 76 2.02 13.46 -1.37
CA ILE A 76 2.35 12.10 -1.77
C ILE A 76 1.15 11.42 -2.42
N GLU A 77 -0.02 11.52 -1.79
CA GLU A 77 -1.24 10.89 -2.34
C GLU A 77 -1.67 11.47 -3.70
N LYS A 78 -1.29 12.72 -3.98
CA LYS A 78 -1.62 13.32 -5.28
C LYS A 78 -0.70 12.73 -6.35
N ILE A 79 0.59 12.62 -6.02
CA ILE A 79 1.60 12.04 -6.93
C ILE A 79 1.25 10.61 -7.36
N ILE A 80 0.67 9.84 -6.45
CA ILE A 80 0.30 8.44 -6.72
C ILE A 80 -0.93 8.33 -7.62
N HIS A 81 -1.90 9.24 -7.45
CA HIS A 81 -3.13 9.21 -8.27
C HIS A 81 -2.98 9.87 -9.64
N GLU A 82 -2.09 10.87 -9.75
CA GLU A 82 -1.87 11.52 -11.05
C GLU A 82 -1.40 10.51 -12.07
N ILE A 83 -0.27 9.85 -11.77
CA ILE A 83 0.27 8.85 -12.68
C ILE A 83 -0.60 7.60 -12.49
N PRO A 84 -1.30 7.16 -13.55
CA PRO A 84 -2.17 6.00 -13.43
C PRO A 84 -1.38 4.70 -13.27
N ASN A 85 -2.05 3.65 -12.83
CA ASN A 85 -1.44 2.34 -12.61
C ASN A 85 -2.24 1.24 -13.32
N PRO A 86 -2.20 1.23 -14.67
CA PRO A 86 -2.92 0.19 -15.40
C PRO A 86 -2.11 -1.11 -15.45
N THR A 87 -2.76 -2.20 -15.86
CA THR A 87 -2.08 -3.49 -15.95
C THR A 87 -0.96 -3.43 -16.99
N THR A 88 0.14 -4.12 -16.71
CA THR A 88 1.30 -4.12 -17.60
C THR A 88 2.25 -5.32 -17.30
N ASP A 89 3.53 -5.16 -17.60
CA ASP A 89 4.55 -6.21 -17.38
C ASP A 89 5.27 -5.95 -16.05
N GLU A 90 5.89 -6.99 -15.50
CA GLU A 90 6.67 -6.89 -14.26
C GLU A 90 7.76 -5.83 -14.37
N ALA A 91 8.53 -5.89 -15.47
CA ALA A 91 9.61 -4.96 -15.72
C ALA A 91 9.12 -3.52 -15.81
N THR A 92 8.00 -3.31 -16.49
CA THR A 92 7.42 -1.97 -16.65
C THR A 92 6.80 -1.45 -15.35
N ARG A 93 6.08 -2.30 -14.63
CA ARG A 93 5.47 -1.89 -13.34
C ARG A 93 6.59 -1.56 -12.34
N THR A 94 7.69 -2.29 -12.44
CA THR A 94 8.86 -2.06 -11.61
C THR A 94 9.46 -0.68 -11.95
N GLU A 95 9.44 -0.30 -13.23
CA GLU A 95 9.95 1.03 -13.63
C GLU A 95 8.96 2.12 -13.25
N TRP A 96 7.67 1.79 -13.22
CA TRP A 96 6.62 2.72 -12.79
C TRP A 96 6.77 2.98 -11.28
N GLU A 97 6.95 1.88 -10.53
CA GLU A 97 7.12 1.92 -9.07
C GLU A 97 8.31 2.85 -8.72
N LYS A 98 9.37 2.79 -9.54
CA LYS A 98 10.54 3.66 -9.36
C LYS A 98 10.21 5.10 -9.69
N GLU A 99 9.46 5.31 -10.78
CA GLU A 99 9.09 6.67 -11.22
C GLU A 99 8.35 7.43 -10.14
N ILE A 100 7.32 6.80 -9.56
CA ILE A 100 6.55 7.44 -8.50
C ILE A 100 7.38 7.63 -7.24
N CYS A 101 8.06 6.57 -6.81
CA CYS A 101 8.91 6.66 -5.61
C CYS A 101 10.01 7.70 -5.75
N LEU A 102 10.47 7.92 -6.97
CA LEU A 102 11.54 8.87 -7.22
C LEU A 102 10.98 10.31 -7.07
N LYS A 103 9.70 10.49 -7.41
CA LYS A 103 9.04 11.81 -7.27
C LYS A 103 8.76 12.10 -5.80
N ILE A 104 8.32 11.08 -5.07
CA ILE A 104 8.06 11.19 -3.64
C ILE A 104 9.34 11.59 -2.93
N LEU A 105 10.46 10.99 -3.34
CA LEU A 105 11.76 11.31 -2.75
C LEU A 105 12.18 12.76 -3.04
N ASN A 106 11.72 13.30 -4.17
CA ASN A 106 12.02 14.71 -4.55
C ASN A 106 11.28 15.75 -3.71
N LEU A 107 10.33 15.32 -2.87
CA LEU A 107 9.56 16.26 -2.03
C LEU A 107 10.44 16.99 -1.02
N HIS A 108 10.87 16.30 0.04
CA HIS A 108 11.70 16.94 1.06
C HIS A 108 13.18 17.03 0.67
N THR A 109 13.86 17.99 1.30
CA THR A 109 15.29 18.27 1.04
C THR A 109 16.25 17.09 1.26
N SER A 110 16.02 16.33 2.34
CA SER A 110 16.85 15.18 2.70
C SER A 110 17.18 14.24 1.54
N THR A 111 16.14 13.76 0.86
CA THR A 111 16.25 12.82 -0.26
C THR A 111 16.13 13.43 -1.66
N ASN A 112 16.05 14.75 -1.76
CA ASN A 112 15.92 15.41 -3.06
C ASN A 112 17.19 15.18 -3.90
N GLU A 113 18.35 15.53 -3.35
CA GLU A 113 19.63 15.40 -4.05
C GLU A 113 20.13 13.96 -4.31
N ARG A 114 19.69 13.02 -3.48
CA ARG A 114 20.10 11.61 -3.62
C ARG A 114 19.36 10.85 -4.75
N THR A 115 18.28 11.43 -5.30
CA THR A 115 17.46 10.79 -6.38
C THR A 115 18.25 10.39 -7.63
N VAL A 116 19.35 11.08 -7.89
CA VAL A 116 20.21 10.79 -9.02
C VAL A 116 20.97 9.49 -8.73
N ALA A 117 21.25 9.25 -7.44
CA ALA A 117 22.02 8.09 -6.99
C ALA A 117 21.27 6.80 -6.70
N TYR A 118 19.99 6.88 -6.30
CA TYR A 118 19.22 5.66 -5.96
C TYR A 118 19.26 4.56 -7.04
N ASP A 119 19.31 4.97 -8.30
CA ASP A 119 19.39 4.02 -9.41
C ASP A 119 20.45 2.94 -9.16
N GLU A 120 21.56 3.32 -8.53
CA GLU A 120 22.67 2.40 -8.26
C GLU A 120 23.30 2.49 -6.86
N LEU A 121 22.71 3.26 -5.95
CA LEU A 121 23.25 3.40 -4.59
C LEU A 121 23.38 2.08 -3.85
N TYR A 122 22.28 1.32 -3.75
CA TYR A 122 22.33 0.03 -3.04
C TYR A 122 23.14 -1.02 -3.77
N GLN A 123 23.14 -0.96 -5.10
CA GLN A 123 23.94 -1.90 -5.86
C GLN A 123 25.40 -1.68 -5.48
N LYS A 124 25.81 -0.41 -5.38
CA LYS A 124 27.18 -0.08 -5.02
C LYS A 124 27.51 -0.39 -3.56
N ILE A 125 26.57 -0.17 -2.66
CA ILE A 125 26.79 -0.46 -1.25
C ILE A 125 26.90 -1.97 -1.05
N PHE A 126 25.98 -2.74 -1.63
CA PHE A 126 25.99 -4.21 -1.45
C PHE A 126 27.20 -4.90 -2.05
N GLU A 127 27.91 -4.28 -2.99
CA GLU A 127 29.12 -4.92 -3.54
C GLU A 127 30.13 -5.08 -2.42
N VAL A 128 30.19 -4.08 -1.54
CA VAL A 128 31.12 -4.07 -0.39
C VAL A 128 30.62 -4.95 0.75
N THR A 129 29.44 -4.63 1.28
CA THR A 129 28.86 -5.35 2.42
C THR A 129 28.21 -6.70 2.12
N GLY A 130 27.90 -6.96 0.85
CA GLY A 130 27.17 -8.18 0.47
C GLY A 130 25.71 -7.84 0.65
N VAL A 131 24.82 -8.69 0.15
CA VAL A 131 23.36 -8.46 0.27
C VAL A 131 22.92 -8.70 1.70
N PRO A 132 22.47 -7.64 2.39
CA PRO A 132 22.04 -7.85 3.77
C PRO A 132 20.70 -8.56 3.87
N THR A 133 20.47 -9.20 5.02
CA THR A 133 19.24 -9.90 5.32
C THR A 133 18.17 -8.92 5.86
N SER A 134 18.58 -7.70 6.19
CA SER A 134 17.69 -6.67 6.72
C SER A 134 18.36 -5.31 6.78
N ILE A 135 17.56 -4.25 6.78
CA ILE A 135 18.06 -2.88 6.84
C ILE A 135 17.36 -2.12 7.93
N THR A 136 18.13 -1.40 8.74
CA THR A 136 17.61 -0.55 9.80
C THR A 136 18.03 0.81 9.29
N ASP A 137 17.08 1.73 9.20
CA ASP A 137 17.35 3.05 8.63
C ASP A 137 17.02 4.15 9.65
N ALA A 138 18.03 4.57 10.41
CA ALA A 138 17.87 5.61 11.43
C ALA A 138 17.65 6.98 10.81
N GLY A 139 16.68 7.73 11.32
CA GLY A 139 16.32 9.07 10.80
C GLY A 139 16.01 8.93 9.33
N CYS A 140 15.09 8.00 9.03
CA CYS A 140 14.76 7.64 7.68
C CYS A 140 14.18 8.71 6.78
N ALA A 141 13.47 9.69 7.34
CA ALA A 141 12.84 10.73 6.50
C ALA A 141 12.01 9.99 5.42
N LEU A 142 12.07 10.42 4.16
CA LEU A 142 11.32 9.75 3.09
C LEU A 142 12.08 8.58 2.44
N ASN A 143 13.20 8.16 3.03
CA ASN A 143 13.99 7.05 2.46
C ASN A 143 13.26 5.69 2.45
N PRO A 144 12.14 5.52 3.20
CA PRO A 144 11.48 4.22 3.03
C PRO A 144 10.97 4.03 1.59
N PHE A 145 10.59 5.11 0.90
CA PHE A 145 10.12 5.00 -0.51
C PHE A 145 11.24 4.60 -1.48
N SER A 146 12.37 4.19 -0.91
CA SER A 146 13.52 3.73 -1.64
C SER A 146 13.46 2.21 -1.91
N PHE A 147 12.44 1.52 -1.39
CA PHE A 147 12.34 0.04 -1.54
C PHE A 147 12.45 -0.50 -2.98
N PRO A 148 11.89 0.21 -3.98
CA PRO A 148 12.10 -0.31 -5.32
C PRO A 148 13.56 -0.59 -5.63
N PHE A 149 14.44 0.31 -5.19
CA PHE A 149 15.86 0.22 -5.48
C PHE A 149 16.63 -0.82 -4.67
N PHE A 150 16.46 -0.85 -3.35
CA PHE A 150 17.18 -1.86 -2.58
C PHE A 150 16.54 -3.24 -2.74
N THR A 151 15.32 -3.30 -3.30
CA THR A 151 14.69 -4.59 -3.53
C THR A 151 15.31 -5.21 -4.78
N GLU A 152 15.43 -4.45 -5.86
CA GLU A 152 16.02 -5.04 -7.06
C GLU A 152 17.49 -5.31 -6.84
N ALA A 153 18.11 -4.63 -5.88
CA ALA A 153 19.51 -4.84 -5.57
C ALA A 153 19.72 -6.17 -4.80
N GLY A 154 18.62 -6.81 -4.39
CA GLY A 154 18.68 -8.11 -3.72
C GLY A 154 18.21 -8.23 -2.29
N MET A 155 17.83 -7.11 -1.66
CA MET A 155 17.41 -7.12 -0.24
C MET A 155 15.88 -7.26 -0.15
N LEU A 156 15.44 -8.51 0.01
CA LEU A 156 14.00 -8.85 0.13
C LEU A 156 13.59 -9.08 1.59
N GLY A 157 14.53 -8.90 2.51
CA GLY A 157 14.27 -9.04 3.93
C GLY A 157 13.56 -7.82 4.47
N GLN A 158 13.55 -7.69 5.80
CA GLN A 158 12.82 -6.60 6.43
C GLN A 158 13.59 -5.30 6.51
N TYR A 159 12.84 -4.22 6.31
CA TYR A 159 13.34 -2.85 6.40
C TYR A 159 12.61 -2.20 7.58
N ILE A 160 13.36 -1.67 8.53
CA ILE A 160 12.79 -1.01 9.71
C ILE A 160 13.33 0.40 9.74
N GLY A 161 12.53 1.33 9.26
CA GLY A 161 12.93 2.75 9.22
C GLY A 161 12.25 3.50 10.34
N PHE A 162 12.96 4.46 10.93
CA PHE A 162 12.39 5.26 12.01
C PHE A 162 12.89 6.70 12.00
N ASP A 163 12.03 7.60 12.49
CA ASP A 163 12.35 9.03 12.56
C ASP A 163 11.63 9.62 13.79
N LEU A 164 11.81 10.91 14.07
CA LEU A 164 11.25 11.53 15.28
C LEU A 164 9.77 11.91 15.23
N ASP A 165 9.34 12.52 14.13
CA ASP A 165 7.97 13.01 13.98
C ASP A 165 6.96 11.90 13.70
N LYS A 166 5.98 11.74 14.59
CA LYS A 166 4.95 10.71 14.40
C LYS A 166 3.98 11.12 13.28
N GLY A 167 3.85 12.42 13.03
CA GLY A 167 2.98 12.93 11.96
C GLY A 167 3.50 12.54 10.59
N MET A 168 4.83 12.60 10.43
CA MET A 168 5.48 12.21 9.18
C MET A 168 5.35 10.72 8.97
N ILE A 169 5.72 9.96 9.99
CA ILE A 169 5.71 8.50 9.93
C ILE A 169 4.34 7.89 9.67
N GLU A 170 3.28 8.58 10.09
CA GLU A 170 1.95 8.09 9.83
C GLU A 170 1.65 8.32 8.36
N ALA A 171 2.12 9.45 7.83
CA ALA A 171 1.93 9.78 6.41
C ALA A 171 2.67 8.79 5.54
N ILE A 172 3.85 8.36 5.99
CA ILE A 172 4.64 7.39 5.25
C ILE A 172 3.93 6.05 5.25
N GLU A 173 3.45 5.63 6.41
CA GLU A 173 2.75 4.35 6.50
C GLU A 173 1.49 4.28 5.64
N HIS A 174 0.72 5.36 5.61
CA HIS A 174 -0.51 5.39 4.81
C HIS A 174 -0.15 5.44 3.33
N SER A 175 0.93 6.14 3.01
CA SER A 175 1.39 6.24 1.63
C SER A 175 1.90 4.88 1.13
N LEU A 176 2.75 4.22 1.92
CA LEU A 176 3.29 2.90 1.55
C LEU A 176 2.19 1.87 1.28
N ARG A 177 1.09 1.94 2.02
CA ARG A 177 -0.01 1.01 1.81
C ARG A 177 -0.72 1.32 0.49
N THR A 178 -0.71 2.58 0.07
CA THR A 178 -1.33 2.96 -1.19
C THR A 178 -0.54 2.32 -2.33
N LEU A 179 0.79 2.37 -2.25
CA LEU A 179 1.66 1.74 -3.26
C LEU A 179 1.64 0.20 -3.21
N ASN A 180 0.88 -0.37 -2.27
CA ASN A 180 0.81 -1.82 -2.10
C ASN A 180 2.24 -2.32 -1.82
N ALA A 181 2.98 -1.54 -1.03
CA ALA A 181 4.37 -1.88 -0.73
C ALA A 181 4.45 -3.21 -0.01
N PRO A 182 5.60 -3.89 -0.07
CA PRO A 182 5.73 -5.16 0.62
C PRO A 182 5.60 -5.00 2.14
N GLU A 183 5.02 -6.00 2.80
CA GLU A 183 4.84 -5.98 4.24
C GLU A 183 6.15 -5.91 5.05
N GLY A 184 7.28 -6.08 4.36
CA GLY A 184 8.59 -6.01 4.98
C GLY A 184 9.14 -4.60 5.08
N ILE A 185 8.42 -3.63 4.51
CA ILE A 185 8.81 -2.21 4.56
C ILE A 185 8.05 -1.61 5.75
N VAL A 186 8.69 -1.62 6.92
CA VAL A 186 8.07 -1.15 8.16
C VAL A 186 8.60 0.20 8.64
N VAL A 187 7.69 1.06 9.08
CA VAL A 187 8.07 2.37 9.63
C VAL A 187 7.46 2.54 11.01
N LYS A 188 8.21 3.15 11.90
CA LYS A 188 7.78 3.39 13.27
C LYS A 188 8.53 4.62 13.70
N GLN A 189 8.21 5.20 14.85
CA GLN A 189 9.00 6.35 15.30
C GLN A 189 10.08 5.90 16.27
N GLY A 190 11.20 6.58 16.21
CA GLY A 190 12.34 6.25 17.07
C GLY A 190 13.45 7.27 16.93
N ASP A 191 14.38 7.22 17.88
CA ASP A 191 15.51 8.12 17.91
C ASP A 191 16.72 7.30 18.29
N ILE A 192 17.63 7.10 17.35
CA ILE A 192 18.82 6.29 17.61
C ILE A 192 19.67 6.84 18.77
N LEU A 193 19.55 8.14 19.03
CA LEU A 193 20.28 8.80 20.12
C LEU A 193 19.75 8.40 21.52
N SER A 194 18.42 8.45 21.69
CA SER A 194 17.79 8.13 22.99
C SER A 194 17.35 6.66 23.21
N ASP A 195 16.92 5.97 22.16
CA ASP A 195 16.50 4.55 22.29
C ASP A 195 17.67 3.65 22.66
N PRO A 196 17.39 2.49 23.29
CA PRO A 196 18.49 1.59 23.65
C PRO A 196 19.21 1.07 22.42
N SER A 197 20.46 0.68 22.58
CA SER A 197 21.25 0.15 21.46
C SER A 197 20.67 -1.17 20.97
N GLY A 198 20.51 -1.29 19.65
CA GLY A 198 19.94 -2.49 19.04
C GLY A 198 20.87 -3.17 18.07
N GLU A 199 20.42 -4.30 17.51
CA GLU A 199 21.20 -5.06 16.54
C GLU A 199 20.67 -4.86 15.14
N SER A 200 21.50 -5.14 14.14
CA SER A 200 21.12 -4.99 12.73
C SER A 200 22.09 -5.76 11.83
N ASP A 201 21.78 -5.77 10.54
CA ASP A 201 22.66 -6.36 9.54
C ASP A 201 23.30 -5.15 8.87
N LEU A 202 22.48 -4.31 8.24
CA LEU A 202 22.95 -3.09 7.58
C LEU A 202 22.26 -1.90 8.23
N LEU A 203 23.06 -0.99 8.82
CA LEU A 203 22.54 0.20 9.48
C LEU A 203 22.79 1.41 8.61
N LEU A 204 21.74 2.16 8.29
CA LEU A 204 21.88 3.34 7.45
C LEU A 204 21.75 4.60 8.27
N MET A 205 22.73 5.49 8.16
CA MET A 205 22.70 6.77 8.84
C MET A 205 22.94 7.84 7.77
N PHE A 206 21.98 8.01 6.87
CA PHE A 206 22.11 9.01 5.82
C PHE A 206 21.86 10.40 6.39
N LYS A 207 22.85 11.29 6.25
CA LYS A 207 22.76 12.68 6.73
C LYS A 207 22.24 12.73 8.13
N LEU A 208 22.99 12.12 9.04
CA LEU A 208 22.58 12.08 10.43
C LEU A 208 23.73 12.28 11.42
N TYR A 209 24.94 11.86 11.06
CA TYR A 209 26.10 11.98 11.96
C TYR A 209 26.36 13.41 12.46
N THR A 210 26.34 14.40 11.57
CA THR A 210 26.56 15.78 12.01
C THR A 210 25.38 16.21 12.87
N LEU A 211 24.17 15.99 12.36
CA LEU A 211 22.95 16.34 13.10
C LEU A 211 22.99 15.73 14.51
N LEU A 212 23.49 14.51 14.64
CA LEU A 212 23.58 13.86 15.95
C LEU A 212 24.57 14.56 16.86
N ASP A 213 25.75 14.91 16.34
CA ASP A 213 26.76 15.65 17.14
C ASP A 213 26.24 17.05 17.53
N ARG A 214 25.42 17.62 16.66
CA ARG A 214 24.79 18.93 16.88
C ARG A 214 23.77 18.82 18.02
N GLN A 215 22.98 17.74 18.01
CA GLN A 215 21.99 17.47 19.06
C GLN A 215 22.68 17.09 20.39
N GLU A 216 23.84 16.45 20.31
CA GLU A 216 24.60 16.03 21.49
C GLU A 216 26.04 15.69 21.10
N GLU A 217 27.01 16.32 21.76
CA GLU A 217 28.43 16.14 21.45
C GLU A 217 28.95 14.70 21.60
N ALA A 218 29.78 14.28 20.64
CA ALA A 218 30.39 12.94 20.60
C ALA A 218 29.39 11.76 20.60
N SER A 219 28.13 12.03 20.26
CA SER A 219 27.09 11.01 20.28
C SER A 219 27.16 10.06 19.09
N GLY A 220 27.31 10.62 17.90
CA GLY A 220 27.41 9.84 16.65
C GLY A 220 28.40 8.69 16.72
N LEU A 221 29.62 8.98 17.16
CA LEU A 221 30.68 7.97 17.28
C LEU A 221 30.33 6.91 18.34
N LYS A 222 29.69 7.35 19.42
CA LYS A 222 29.30 6.45 20.50
C LYS A 222 28.26 5.46 19.99
N ILE A 223 27.29 5.97 19.24
CA ILE A 223 26.23 5.16 18.64
C ILE A 223 26.83 4.08 17.74
N LEU A 224 27.81 4.44 16.93
CA LEU A 224 28.47 3.49 16.03
C LEU A 224 29.23 2.39 16.78
N GLN A 225 29.62 2.68 18.03
CA GLN A 225 30.33 1.71 18.85
C GLN A 225 29.37 0.87 19.69
N GLU A 226 28.22 1.45 20.04
CA GLU A 226 27.20 0.74 20.83
C GLU A 226 26.35 -0.20 19.96
N TRP A 227 25.77 0.33 18.89
CA TRP A 227 24.96 -0.49 17.97
C TRP A 227 25.76 -1.61 17.35
N LYS A 228 25.16 -2.79 17.30
CA LYS A 228 25.79 -3.96 16.67
C LYS A 228 25.25 -4.05 15.25
N TYR A 229 26.16 -4.20 14.30
CA TYR A 229 25.81 -4.28 12.90
C TYR A 229 26.96 -4.88 12.10
N LYS A 230 26.64 -5.63 11.05
CA LYS A 230 27.66 -6.23 10.19
C LYS A 230 28.37 -5.09 9.47
N ASN A 231 27.57 -4.12 9.03
CA ASN A 231 28.04 -2.95 8.32
C ASN A 231 27.10 -1.79 8.57
N ALA A 232 27.61 -0.57 8.44
CA ALA A 232 26.82 0.63 8.62
C ALA A 232 27.26 1.67 7.61
N VAL A 233 26.30 2.33 6.98
CA VAL A 233 26.56 3.34 5.95
C VAL A 233 26.26 4.71 6.52
N ILE A 234 27.24 5.61 6.42
CA ILE A 234 27.14 6.96 6.97
C ILE A 234 27.39 7.99 5.88
N SER A 235 26.34 8.76 5.57
CA SER A 235 26.38 9.74 4.50
C SER A 235 26.65 11.18 4.97
N PHE A 236 27.36 11.93 4.13
CA PHE A 236 27.70 13.34 4.37
C PHE A 236 27.56 14.08 3.04
N PRO A 237 27.10 15.35 3.06
CA PRO A 237 27.00 16.07 1.80
C PRO A 237 28.34 16.57 1.31
N ILE A 238 28.35 17.15 0.11
CA ILE A 238 29.55 17.72 -0.49
C ILE A 238 29.18 19.17 -0.79
N LYS A 239 29.31 20.02 0.24
CA LYS A 239 28.97 21.44 0.14
C LYS A 239 30.15 22.26 -0.40
N THR A 240 30.85 21.73 -1.40
CA THR A 240 32.01 22.42 -1.97
C THR A 240 32.42 21.79 -3.31
N ASN A 251 34.31 19.62 4.92
CA ASN A 251 34.27 20.37 6.18
C ASN A 251 33.89 19.43 7.33
N TYR A 252 32.62 19.02 7.38
CA TYR A 252 32.14 18.10 8.41
C TYR A 252 32.54 16.65 8.14
N THR A 253 32.74 16.30 6.87
CA THR A 253 33.13 14.94 6.52
C THR A 253 34.52 14.60 7.07
N VAL A 254 35.46 15.55 7.00
CA VAL A 254 36.82 15.30 7.50
C VAL A 254 36.83 15.07 9.02
N LYS A 255 35.93 15.74 9.75
CA LYS A 255 35.83 15.58 11.20
C LYS A 255 35.44 14.15 11.56
N PHE A 256 34.57 13.54 10.74
CA PHE A 256 34.14 12.16 10.97
C PHE A 256 35.27 11.16 10.76
N GLU A 257 35.93 11.23 9.60
CA GLU A 257 37.05 10.29 9.34
C GLU A 257 38.24 10.51 10.27
N ASN A 258 38.22 11.65 10.97
CA ASN A 258 39.22 11.97 11.98
C ASN A 258 38.79 11.27 13.27
N ASP A 259 37.48 11.29 13.56
CA ASP A 259 36.90 10.63 14.75
C ASP A 259 37.18 9.12 14.74
N LEU A 260 37.13 8.51 13.57
CA LEU A 260 37.37 7.06 13.44
C LEU A 260 38.81 6.62 13.73
N VAL A 261 39.77 7.53 13.59
CA VAL A 261 41.17 7.21 13.87
C VAL A 261 41.32 6.67 15.29
N GLY A 262 40.65 7.33 16.23
CA GLY A 262 40.69 6.93 17.64
C GLY A 262 39.87 5.71 18.00
N SER A 263 38.72 5.53 17.33
CA SER A 263 37.84 4.39 17.62
C SER A 263 38.38 3.06 17.08
N ASP A 264 37.68 1.97 17.41
CA ASP A 264 38.07 0.63 16.99
C ASP A 264 37.19 0.19 15.80
N LEU A 265 36.82 1.15 14.95
CA LEU A 265 36.01 0.89 13.76
C LEU A 265 36.89 0.92 12.52
N ARG A 266 36.38 0.37 11.42
CA ARG A 266 37.09 0.33 10.15
C ARG A 266 36.26 0.82 8.98
N ILE A 267 36.89 1.57 8.08
CA ILE A 267 36.25 2.07 6.88
C ILE A 267 36.51 1.02 5.82
N MET A 268 35.46 0.30 5.40
CA MET A 268 35.60 -0.76 4.40
C MET A 268 35.65 -0.17 3.00
N GLN A 269 34.88 0.89 2.79
CA GLN A 269 34.83 1.56 1.50
C GLN A 269 34.29 2.96 1.69
N LYS A 270 34.60 3.82 0.73
CA LYS A 270 34.18 5.20 0.72
C LYS A 270 33.66 5.42 -0.71
N LEU A 271 32.36 5.63 -0.84
CA LEU A 271 31.71 5.81 -2.15
C LEU A 271 31.20 7.22 -2.32
N LYS A 272 31.31 7.73 -3.55
CA LYS A 272 30.84 9.06 -3.89
C LYS A 272 29.80 8.88 -4.99
N LEU A 273 28.56 9.24 -4.67
CA LEU A 273 27.46 9.15 -5.61
C LEU A 273 26.65 10.43 -5.55
N GLY A 274 26.36 10.97 -6.72
CA GLY A 274 25.61 12.20 -6.82
C GLY A 274 26.39 13.35 -6.20
N ASN A 275 25.90 13.81 -5.06
CA ASN A 275 26.51 14.93 -4.35
C ASN A 275 26.66 14.56 -2.87
N GLU A 276 26.98 13.30 -2.61
CA GLU A 276 27.16 12.81 -1.24
C GLU A 276 28.25 11.76 -1.14
N MET A 277 28.94 11.76 0.00
CA MET A 277 30.01 10.81 0.27
C MET A 277 29.46 9.81 1.27
N TYR A 278 29.52 8.52 0.92
CA TYR A 278 29.03 7.45 1.77
C TYR A 278 30.18 6.64 2.33
N PHE A 279 30.24 6.52 3.65
CA PHE A 279 31.27 5.74 4.34
C PHE A 279 30.65 4.43 4.81
N ILE A 280 31.23 3.31 4.38
CA ILE A 280 30.78 1.99 4.81
C ILE A 280 31.72 1.58 5.93
N VAL A 281 31.20 1.55 7.15
CA VAL A 281 31.98 1.23 8.35
C VAL A 281 31.65 -0.14 8.94
N SER A 282 32.64 -0.77 9.56
CA SER A 282 32.47 -2.09 10.17
C SER A 282 33.37 -2.28 11.38
N ARG A 283 33.04 -3.28 12.20
CA ARG A 283 33.81 -3.62 13.39
C ARG A 283 34.97 -4.54 12.99
N LEU A 284 34.96 -5.01 11.74
CA LEU A 284 36.03 -5.87 11.21
C LEU A 284 36.41 -5.50 9.77
N MET B 4 -27.80 -0.08 25.56
CA MET B 4 -27.76 0.81 24.36
C MET B 4 -27.89 2.30 24.68
N LYS B 5 -29.07 2.71 25.16
CA LYS B 5 -29.39 4.12 25.49
C LYS B 5 -28.26 4.90 26.21
N THR B 6 -27.48 4.20 27.03
CA THR B 6 -26.36 4.83 27.76
C THR B 6 -25.26 5.38 26.85
N ASN B 7 -24.84 4.57 25.88
CA ASN B 7 -23.77 4.94 24.96
C ASN B 7 -24.31 5.41 23.62
N ASP B 8 -25.23 4.63 23.03
CA ASP B 8 -25.85 4.94 21.73
C ASP B 8 -26.27 6.40 21.57
N ASN B 9 -26.64 7.03 22.69
CA ASN B 9 -27.07 8.42 22.65
C ASN B 9 -25.98 9.34 22.09
N TYR B 10 -24.77 9.27 22.64
CA TYR B 10 -23.67 10.13 22.17
C TYR B 10 -23.17 9.73 20.76
N ILE B 11 -23.30 8.45 20.41
CA ILE B 11 -22.91 7.97 19.09
C ILE B 11 -23.72 8.67 18.00
N GLU B 12 -25.04 8.75 18.19
CA GLU B 12 -25.93 9.42 17.23
C GLU B 12 -25.64 10.94 17.15
N GLU B 13 -25.20 11.50 18.28
CA GLU B 13 -24.89 12.94 18.39
C GLU B 13 -23.68 13.30 17.52
N VAL B 14 -22.59 12.53 17.64
CA VAL B 14 -21.38 12.76 16.85
C VAL B 14 -21.64 12.43 15.37
N THR B 15 -22.36 11.34 15.13
CA THR B 15 -22.70 10.92 13.77
C THR B 15 -23.29 12.08 12.98
N ALA B 16 -24.41 12.62 13.48
CA ALA B 16 -25.08 13.74 12.82
C ALA B 16 -24.19 14.98 12.72
N LYS B 17 -23.37 15.20 13.74
CA LYS B 17 -22.45 16.35 13.76
C LYS B 17 -21.43 16.29 12.61
N VAL B 18 -20.86 15.12 12.37
CA VAL B 18 -19.88 14.92 11.28
C VAL B 18 -20.55 15.07 9.91
N LEU B 19 -21.79 14.58 9.82
CA LEU B 19 -22.57 14.63 8.57
C LEU B 19 -23.14 16.01 8.25
N THR B 20 -23.38 16.84 9.28
CA THR B 20 -23.92 18.20 9.08
C THR B 20 -22.87 19.14 8.50
N SER B 21 -21.64 19.04 9.00
CA SER B 21 -20.53 19.88 8.53
C SER B 21 -20.22 19.53 7.07
N GLY B 22 -19.85 20.55 6.29
CA GLY B 22 -19.57 20.39 4.85
C GLY B 22 -18.44 19.47 4.40
N LYS B 23 -17.60 19.01 5.33
CA LYS B 23 -16.45 18.16 4.97
C LYS B 23 -16.89 16.72 4.61
N TYR B 24 -17.65 16.08 5.50
CA TYR B 24 -18.14 14.71 5.28
C TYR B 24 -19.67 14.65 5.09
N SER B 25 -20.20 15.59 4.30
CA SER B 25 -21.65 15.64 4.03
C SER B 25 -22.11 14.44 3.21
N THR B 26 -21.68 14.39 1.95
CA THR B 26 -22.07 13.31 1.04
C THR B 26 -21.30 12.04 1.39
N LEU B 27 -21.68 11.44 2.51
CA LEU B 27 -21.06 10.20 2.98
C LEU B 27 -22.14 9.35 3.62
N TYR B 28 -22.33 8.15 3.09
CA TYR B 28 -23.35 7.21 3.55
C TYR B 28 -23.42 7.19 5.08
N PRO B 29 -24.53 7.70 5.67
CA PRO B 29 -24.67 7.76 7.14
C PRO B 29 -24.38 6.47 7.94
N PRO B 30 -24.95 5.32 7.53
CA PRO B 30 -24.62 4.11 8.31
C PRO B 30 -23.13 3.84 8.45
N THR B 31 -22.33 4.36 7.52
CA THR B 31 -20.86 4.21 7.56
C THR B 31 -20.25 5.08 8.66
N VAL B 32 -20.76 6.30 8.82
CA VAL B 32 -20.26 7.20 9.86
C VAL B 32 -20.64 6.68 11.26
N ARG B 33 -21.80 6.04 11.40
CA ARG B 33 -22.24 5.49 12.69
C ARG B 33 -21.29 4.36 13.11
N ARG B 34 -21.04 3.48 12.15
CA ARG B 34 -20.12 2.35 12.33
C ARG B 34 -18.77 2.76 12.87
N VAL B 35 -18.17 3.71 12.19
CA VAL B 35 -16.87 4.22 12.56
C VAL B 35 -16.94 4.79 13.98
N THR B 36 -17.95 5.62 14.22
CA THR B 36 -18.16 6.24 15.54
C THR B 36 -18.42 5.20 16.62
N GLU B 37 -19.20 4.18 16.28
CA GLU B 37 -19.53 3.12 17.22
C GLU B 37 -18.27 2.36 17.63
N ARG B 38 -17.42 2.06 16.65
CA ARG B 38 -16.17 1.34 16.89
C ARG B 38 -15.11 2.10 17.68
N LEU B 39 -15.17 3.42 17.63
CA LEU B 39 -14.21 4.24 18.35
C LEU B 39 -14.70 4.72 19.72
N PHE B 40 -15.99 4.53 20.00
CA PHE B 40 -16.58 4.99 21.27
C PHE B 40 -15.86 4.48 22.53
N ASP B 41 -15.72 3.17 22.66
CA ASP B 41 -15.05 2.57 23.82
C ASP B 41 -13.52 2.72 23.80
N ARG B 42 -12.96 3.20 22.69
CA ARG B 42 -11.52 3.38 22.57
C ARG B 42 -11.04 4.80 22.86
N TYR B 43 -11.94 5.77 22.85
CA TYR B 43 -11.57 7.17 23.13
C TYR B 43 -12.57 7.87 24.03
N PRO B 44 -12.09 8.87 24.82
CA PRO B 44 -13.02 9.60 25.67
C PRO B 44 -13.90 10.49 24.77
N PRO B 45 -15.15 10.78 25.20
CA PRO B 45 -16.10 11.61 24.40
C PRO B 45 -15.51 12.89 23.81
N LYS B 46 -14.67 13.55 24.60
CA LYS B 46 -14.00 14.80 24.22
C LYS B 46 -13.09 14.66 22.99
N GLN B 47 -12.70 13.42 22.67
CA GLN B 47 -11.81 13.13 21.53
C GLN B 47 -12.50 12.34 20.41
N LEU B 48 -13.48 11.53 20.76
CA LEU B 48 -14.22 10.69 19.79
C LEU B 48 -14.57 11.38 18.47
N GLU B 49 -15.01 12.63 18.56
CA GLU B 49 -15.44 13.39 17.38
C GLU B 49 -14.32 13.59 16.37
N LYS B 50 -13.11 13.96 16.81
CA LYS B 50 -12.00 14.15 15.86
C LYS B 50 -11.39 12.85 15.39
N GLU B 51 -11.43 11.82 16.24
CA GLU B 51 -10.91 10.50 15.88
C GLU B 51 -11.76 9.87 14.77
N VAL B 52 -13.04 10.18 14.75
CA VAL B 52 -13.94 9.70 13.69
C VAL B 52 -13.52 10.34 12.35
N ARG B 53 -13.23 11.64 12.38
CA ARG B 53 -12.83 12.37 11.17
C ARG B 53 -11.47 11.88 10.68
N LYS B 54 -10.58 11.55 11.60
CA LYS B 54 -9.24 11.04 11.25
C LYS B 54 -9.41 9.71 10.50
N LYS B 55 -10.28 8.86 11.04
CA LYS B 55 -10.56 7.54 10.48
C LYS B 55 -11.25 7.61 9.12
N LEU B 56 -12.28 8.44 9.01
CA LEU B 56 -13.00 8.60 7.76
C LEU B 56 -12.09 9.10 6.64
N HIS B 57 -11.06 9.87 7.00
CA HIS B 57 -10.10 10.36 6.03
C HIS B 57 -9.22 9.21 5.58
N GLN B 58 -8.66 8.49 6.55
CA GLN B 58 -7.76 7.37 6.32
C GLN B 58 -8.39 6.24 5.50
N ALA B 59 -9.70 6.01 5.66
CA ALA B 59 -10.38 4.91 4.95
C ALA B 59 -11.28 5.32 3.78
N TYR B 60 -12.10 6.34 4.00
CA TYR B 60 -13.05 6.80 2.96
C TYR B 60 -12.65 8.16 2.36
N GLY B 61 -11.35 8.44 2.33
CA GLY B 61 -10.83 9.70 1.81
C GLY B 61 -10.98 9.86 0.30
N ALA B 62 -10.69 8.78 -0.43
CA ALA B 62 -10.81 8.79 -1.89
C ALA B 62 -12.27 8.74 -2.35
N TYR B 63 -13.19 8.39 -1.44
CA TYR B 63 -14.61 8.30 -1.77
C TYR B 63 -15.46 9.49 -1.26
N ILE B 64 -14.81 10.60 -0.91
CA ILE B 64 -15.55 11.80 -0.46
C ILE B 64 -15.99 12.51 -1.74
N GLY B 65 -15.02 12.89 -2.56
CA GLY B 65 -15.26 13.57 -3.83
C GLY B 65 -15.33 12.56 -4.95
N GLY B 66 -15.00 12.99 -6.16
CA GLY B 66 -15.03 12.12 -7.35
C GLY B 66 -16.43 11.61 -7.67
N ILE B 67 -17.44 12.31 -7.16
CA ILE B 67 -18.83 11.97 -7.40
C ILE B 67 -19.46 12.43 -8.72
N ASP B 68 -19.51 13.75 -8.91
CA ASP B 68 -19.89 14.37 -10.18
C ASP B 68 -20.95 13.64 -11.02
N GLY B 69 -22.04 13.26 -10.36
CA GLY B 69 -23.08 12.43 -10.94
C GLY B 69 -23.65 12.93 -12.26
N LYS B 70 -23.72 14.26 -12.41
CA LYS B 70 -24.25 14.89 -13.63
C LYS B 70 -23.33 14.65 -14.83
N ARG B 71 -22.03 14.87 -14.63
CA ARG B 71 -21.05 14.68 -15.71
C ARG B 71 -20.96 13.19 -16.11
N LEU B 72 -21.25 12.30 -15.16
CA LEU B 72 -21.20 10.86 -15.44
C LEU B 72 -22.40 10.41 -16.27
N GLU B 73 -23.63 10.74 -15.84
CA GLU B 73 -24.84 10.32 -16.58
C GLU B 73 -24.89 10.89 -18.00
N LYS B 74 -24.45 12.14 -18.16
CA LYS B 74 -24.43 12.78 -19.49
C LYS B 74 -23.39 12.10 -20.38
N LYS B 75 -22.22 11.78 -19.80
CA LYS B 75 -21.15 11.10 -20.53
C LYS B 75 -21.64 9.74 -21.04
N ILE B 76 -22.47 9.08 -20.24
CA ILE B 76 -23.05 7.78 -20.60
C ILE B 76 -24.10 7.94 -21.70
N GLU B 77 -25.09 8.80 -21.46
CA GLU B 77 -26.15 9.02 -22.45
C GLU B 77 -25.67 9.67 -23.76
N LYS B 78 -24.50 10.30 -23.72
CA LYS B 78 -23.91 10.92 -24.91
C LYS B 78 -23.35 9.81 -25.82
N ILE B 79 -23.03 8.66 -25.21
CA ILE B 79 -22.53 7.47 -25.92
C ILE B 79 -23.71 6.57 -26.31
N ILE B 80 -24.78 6.57 -25.50
CA ILE B 80 -25.98 5.77 -25.78
C ILE B 80 -26.64 6.23 -27.08
N HIS B 81 -26.96 7.52 -27.16
CA HIS B 81 -27.60 8.09 -28.34
C HIS B 81 -26.58 8.25 -29.47
N GLU B 82 -26.89 7.68 -30.63
CA GLU B 82 -26.00 7.76 -31.82
C GLU B 82 -26.84 7.92 -33.08
N THR B 92 -30.84 -8.34 -33.35
CA THR B 92 -30.19 -7.09 -33.73
C THR B 92 -30.09 -6.19 -32.51
N ARG B 93 -31.23 -5.92 -31.88
CA ARG B 93 -31.27 -5.07 -30.67
C ARG B 93 -30.63 -5.75 -29.45
N THR B 94 -30.41 -7.06 -29.54
CA THR B 94 -29.76 -7.80 -28.45
C THR B 94 -28.29 -7.39 -28.44
N GLU B 95 -27.66 -7.46 -29.62
CA GLU B 95 -26.25 -7.07 -29.79
C GLU B 95 -26.03 -5.57 -29.64
N TRP B 96 -27.06 -4.77 -29.94
CA TRP B 96 -26.96 -3.33 -29.79
C TRP B 96 -26.96 -2.99 -28.30
N GLU B 97 -27.76 -3.73 -27.53
CA GLU B 97 -27.86 -3.51 -26.08
C GLU B 97 -26.56 -3.96 -25.41
N LYS B 98 -25.98 -5.07 -25.90
CA LYS B 98 -24.71 -5.57 -25.35
C LYS B 98 -23.56 -4.62 -25.59
N GLU B 99 -23.38 -4.24 -26.85
CA GLU B 99 -22.30 -3.32 -27.23
C GLU B 99 -22.43 -1.94 -26.58
N ILE B 100 -23.65 -1.42 -26.47
CA ILE B 100 -23.85 -0.09 -25.86
C ILE B 100 -23.52 -0.15 -24.37
N CYS B 101 -23.81 -1.29 -23.73
CA CYS B 101 -23.47 -1.50 -22.31
C CYS B 101 -21.98 -1.68 -22.18
N LEU B 102 -21.45 -2.59 -23.00
CA LEU B 102 -20.02 -2.91 -23.02
C LEU B 102 -19.18 -1.62 -23.19
N LYS B 103 -19.77 -0.61 -23.83
CA LYS B 103 -19.11 0.69 -24.02
C LYS B 103 -19.06 1.50 -22.72
N ILE B 104 -20.12 1.41 -21.92
CA ILE B 104 -20.21 2.12 -20.63
C ILE B 104 -19.20 1.56 -19.62
N LEU B 105 -19.06 0.23 -19.60
CA LEU B 105 -18.14 -0.46 -18.71
C LEU B 105 -16.68 -0.01 -18.88
N ASN B 106 -16.31 0.45 -20.08
CA ASN B 106 -14.96 0.93 -20.35
C ASN B 106 -14.66 2.30 -19.72
N LEU B 107 -15.69 3.01 -19.25
CA LEU B 107 -15.52 4.33 -18.62
C LEU B 107 -14.82 4.29 -17.26
N HIS B 108 -15.33 3.45 -16.37
CA HIS B 108 -14.81 3.31 -15.00
C HIS B 108 -13.64 2.31 -14.96
N THR B 109 -12.70 2.54 -14.04
CA THR B 109 -11.48 1.71 -13.92
C THR B 109 -11.71 0.27 -13.40
N SER B 110 -12.75 0.06 -12.61
CA SER B 110 -13.06 -1.28 -12.07
C SER B 110 -13.62 -2.24 -13.12
N THR B 111 -14.51 -1.72 -13.96
CA THR B 111 -15.19 -2.52 -14.98
C THR B 111 -14.51 -2.61 -16.36
N ASN B 112 -13.71 -1.60 -16.72
CA ASN B 112 -13.03 -1.57 -18.02
C ASN B 112 -12.37 -2.88 -18.41
N GLU B 113 -11.39 -3.29 -17.62
CA GLU B 113 -10.61 -4.50 -17.88
C GLU B 113 -11.38 -5.84 -17.95
N ARG B 114 -12.68 -5.85 -17.63
CA ARG B 114 -13.52 -7.08 -17.74
C ARG B 114 -14.31 -7.19 -19.05
N THR B 115 -14.32 -6.13 -19.86
CA THR B 115 -15.05 -6.15 -21.15
C THR B 115 -14.60 -7.31 -22.05
N VAL B 116 -13.35 -7.72 -21.90
CA VAL B 116 -12.80 -8.86 -22.64
C VAL B 116 -13.41 -10.19 -22.09
N ALA B 117 -13.92 -10.14 -20.87
CA ALA B 117 -14.50 -11.30 -20.17
C ALA B 117 -16.03 -11.41 -20.15
N TYR B 118 -16.73 -10.27 -19.98
CA TYR B 118 -18.22 -10.27 -19.86
C TYR B 118 -18.97 -11.20 -20.81
N ASP B 119 -18.45 -11.37 -22.01
CA ASP B 119 -19.04 -12.26 -23.02
C ASP B 119 -19.25 -13.69 -22.48
N GLU B 120 -18.30 -14.15 -21.66
CA GLU B 120 -18.34 -15.51 -21.11
C GLU B 120 -18.14 -15.60 -19.57
N LEU B 121 -17.94 -14.46 -18.91
CA LEU B 121 -17.72 -14.43 -17.44
C LEU B 121 -18.86 -15.06 -16.65
N TYR B 122 -20.09 -14.65 -16.93
CA TYR B 122 -21.25 -15.16 -16.22
C TYR B 122 -21.63 -16.60 -16.60
N GLN B 123 -21.35 -17.03 -17.83
CA GLN B 123 -21.66 -18.42 -18.18
C GLN B 123 -20.63 -19.35 -17.50
N LYS B 124 -19.39 -18.89 -17.32
CA LYS B 124 -18.37 -19.70 -16.63
C LYS B 124 -18.66 -19.82 -15.13
N ILE B 125 -19.15 -18.74 -14.53
CA ILE B 125 -19.50 -18.76 -13.10
C ILE B 125 -20.68 -19.70 -12.87
N PHE B 126 -21.73 -19.59 -13.71
CA PHE B 126 -22.90 -20.45 -13.55
C PHE B 126 -22.60 -21.92 -13.86
N GLU B 127 -21.50 -22.19 -14.57
CA GLU B 127 -21.07 -23.59 -14.82
C GLU B 127 -20.47 -24.20 -13.53
N VAL B 128 -20.43 -23.40 -12.46
CA VAL B 128 -19.89 -23.83 -11.17
C VAL B 128 -20.90 -23.62 -10.02
N THR B 129 -21.66 -22.53 -10.07
CA THR B 129 -22.64 -22.20 -9.05
C THR B 129 -24.06 -22.63 -9.40
N GLY B 130 -24.32 -22.75 -10.70
CA GLY B 130 -25.65 -23.06 -11.19
C GLY B 130 -26.28 -21.71 -11.47
N VAL B 131 -27.34 -21.68 -12.28
CA VAL B 131 -27.99 -20.42 -12.61
C VAL B 131 -28.74 -19.91 -11.37
N PRO B 132 -28.31 -18.75 -10.82
CA PRO B 132 -28.94 -18.22 -9.60
C PRO B 132 -30.27 -17.49 -9.83
N THR B 133 -31.12 -17.50 -8.80
CA THR B 133 -32.44 -16.85 -8.84
C THR B 133 -32.36 -15.36 -8.46
N SER B 134 -31.21 -14.93 -7.96
CA SER B 134 -31.00 -13.53 -7.55
C SER B 134 -29.49 -13.25 -7.44
N ILE B 135 -29.12 -11.98 -7.59
CA ILE B 135 -27.71 -11.58 -7.48
C ILE B 135 -27.53 -10.30 -6.68
N THR B 136 -26.61 -10.34 -5.72
CA THR B 136 -26.26 -9.19 -4.89
C THR B 136 -24.85 -8.81 -5.30
N ASP B 137 -24.69 -7.58 -5.74
CA ASP B 137 -23.41 -7.09 -6.24
C ASP B 137 -22.85 -6.02 -5.30
N ALA B 138 -21.98 -6.44 -4.38
CA ALA B 138 -21.35 -5.53 -3.41
C ALA B 138 -20.27 -4.72 -4.12
N GLY B 139 -20.26 -3.41 -3.87
CA GLY B 139 -19.32 -2.49 -4.52
C GLY B 139 -19.48 -2.61 -6.03
N CYS B 140 -20.72 -2.59 -6.48
CA CYS B 140 -21.06 -2.79 -7.88
C CYS B 140 -20.44 -1.85 -8.91
N ALA B 141 -20.24 -0.60 -8.53
CA ALA B 141 -19.62 0.38 -9.43
C ALA B 141 -20.49 0.38 -10.69
N LEU B 142 -19.91 0.29 -11.89
CA LEU B 142 -20.71 0.25 -13.12
C LEU B 142 -21.06 -1.18 -13.57
N ASN B 143 -20.90 -2.17 -12.68
CA ASN B 143 -21.20 -3.56 -13.01
C ASN B 143 -22.70 -3.83 -13.28
N PRO B 144 -23.62 -2.96 -12.78
CA PRO B 144 -25.02 -3.25 -13.10
C PRO B 144 -25.30 -3.23 -14.60
N PHE B 145 -24.50 -2.46 -15.34
CA PHE B 145 -24.64 -2.37 -16.79
C PHE B 145 -24.30 -3.67 -17.51
N SER B 146 -23.80 -4.67 -16.78
CA SER B 146 -23.50 -5.98 -17.39
C SER B 146 -24.73 -6.88 -17.40
N PHE B 147 -25.94 -6.30 -17.24
CA PHE B 147 -27.18 -7.10 -17.24
C PHE B 147 -27.44 -7.91 -18.51
N PRO B 148 -27.13 -7.38 -19.72
CA PRO B 148 -27.39 -8.22 -20.89
C PRO B 148 -26.55 -9.49 -20.92
N PHE B 149 -25.36 -9.43 -20.30
CA PHE B 149 -24.48 -10.59 -20.25
C PHE B 149 -24.97 -11.64 -19.26
N PHE B 150 -25.30 -11.26 -18.02
CA PHE B 150 -25.81 -12.24 -17.06
C PHE B 150 -27.27 -12.65 -17.35
N THR B 151 -28.00 -11.80 -18.06
CA THR B 151 -29.38 -12.13 -18.46
C THR B 151 -29.35 -13.28 -19.46
N GLU B 152 -28.50 -13.16 -20.47
CA GLU B 152 -28.35 -14.21 -21.50
C GLU B 152 -27.81 -15.49 -20.87
N ALA B 153 -26.95 -15.34 -19.86
CA ALA B 153 -26.37 -16.49 -19.17
C ALA B 153 -27.42 -17.32 -18.42
N GLY B 154 -28.66 -16.81 -18.35
CA GLY B 154 -29.78 -17.52 -17.72
C GLY B 154 -30.42 -16.87 -16.50
N MET B 155 -29.83 -15.78 -15.99
CA MET B 155 -30.35 -15.13 -14.78
C MET B 155 -31.39 -14.05 -15.10
N LEU B 156 -32.67 -14.42 -14.95
CA LEU B 156 -33.80 -13.51 -15.17
C LEU B 156 -34.35 -12.97 -13.85
N GLY B 157 -33.76 -13.38 -12.73
CA GLY B 157 -34.21 -12.95 -11.40
C GLY B 157 -33.96 -11.51 -11.00
N GLN B 158 -33.98 -11.28 -9.69
CA GLN B 158 -33.80 -9.95 -9.12
C GLN B 158 -32.31 -9.64 -8.87
N TYR B 159 -31.90 -8.42 -9.24
CA TYR B 159 -30.53 -7.96 -9.07
C TYR B 159 -30.50 -6.68 -8.23
N ILE B 160 -29.69 -6.70 -7.17
CA ILE B 160 -29.51 -5.52 -6.32
C ILE B 160 -28.01 -5.26 -6.25
N GLY B 161 -27.59 -4.09 -6.71
CA GLY B 161 -26.19 -3.69 -6.70
C GLY B 161 -26.06 -2.42 -5.90
N PHE B 162 -25.24 -2.44 -4.85
CA PHE B 162 -25.05 -1.25 -4.00
C PHE B 162 -23.62 -0.73 -4.00
N ASP B 163 -23.47 0.54 -3.60
CA ASP B 163 -22.16 1.21 -3.58
C ASP B 163 -22.22 2.48 -2.72
N LEU B 164 -21.09 2.88 -2.15
CA LEU B 164 -21.03 4.08 -1.30
C LEU B 164 -21.36 5.37 -2.05
N ASP B 165 -20.78 5.53 -3.24
CA ASP B 165 -20.96 6.75 -4.05
C ASP B 165 -22.43 6.96 -4.47
N LYS B 166 -23.09 7.89 -3.76
CA LYS B 166 -24.49 8.25 -3.98
C LYS B 166 -24.79 8.70 -5.42
N GLY B 167 -24.06 9.73 -5.87
CA GLY B 167 -24.24 10.28 -7.21
C GLY B 167 -24.04 9.29 -8.33
N MET B 168 -23.15 8.33 -8.11
CA MET B 168 -22.86 7.31 -9.10
C MET B 168 -24.09 6.41 -9.33
N ILE B 169 -24.76 6.04 -8.26
CA ILE B 169 -25.94 5.18 -8.34
C ILE B 169 -27.13 5.91 -8.94
N GLU B 170 -27.26 7.20 -8.66
CA GLU B 170 -28.34 8.00 -9.23
C GLU B 170 -28.16 8.04 -10.75
N ALA B 171 -26.90 8.12 -11.19
CA ALA B 171 -26.57 8.14 -12.61
C ALA B 171 -26.82 6.78 -13.26
N ILE B 172 -26.63 5.70 -12.50
CA ILE B 172 -26.87 4.34 -13.00
C ILE B 172 -28.36 4.09 -13.17
N GLU B 173 -29.12 4.28 -12.09
CA GLU B 173 -30.57 4.06 -12.09
C GLU B 173 -31.22 4.88 -13.22
N HIS B 174 -30.80 6.14 -13.35
CA HIS B 174 -31.32 7.05 -14.38
C HIS B 174 -31.03 6.53 -15.79
N SER B 175 -29.84 5.95 -15.96
CA SER B 175 -29.42 5.41 -17.26
C SER B 175 -30.03 4.03 -17.56
N LEU B 176 -30.31 3.25 -16.51
CA LEU B 176 -30.92 1.91 -16.71
C LEU B 176 -32.30 2.01 -17.35
N ARG B 177 -33.01 3.09 -17.07
CA ARG B 177 -34.33 3.32 -17.69
C ARG B 177 -34.14 3.64 -19.18
N THR B 178 -33.12 4.45 -19.48
CA THR B 178 -32.82 4.81 -20.87
C THR B 178 -32.59 3.55 -21.70
N LEU B 179 -31.77 2.63 -21.19
CA LEU B 179 -31.51 1.35 -21.88
C LEU B 179 -32.73 0.43 -21.87
N ASN B 180 -33.74 0.78 -21.07
CA ASN B 180 -34.97 0.01 -20.94
C ASN B 180 -34.64 -1.39 -20.38
N ALA B 181 -33.78 -1.40 -19.37
CA ALA B 181 -33.35 -2.63 -18.74
C ALA B 181 -34.50 -3.24 -17.95
N PRO B 182 -34.42 -4.55 -17.64
CA PRO B 182 -35.47 -5.22 -16.86
C PRO B 182 -35.74 -4.56 -15.49
N GLU B 183 -36.93 -4.82 -14.94
CA GLU B 183 -37.32 -4.27 -13.63
C GLU B 183 -36.43 -4.84 -12.52
N GLY B 184 -35.96 -6.06 -12.72
CA GLY B 184 -35.10 -6.75 -11.76
C GLY B 184 -33.78 -6.06 -11.46
N ILE B 185 -33.24 -5.31 -12.42
CA ILE B 185 -31.97 -4.61 -12.23
C ILE B 185 -32.20 -3.35 -11.39
N VAL B 186 -32.06 -3.49 -10.07
CA VAL B 186 -32.26 -2.38 -9.12
C VAL B 186 -30.91 -2.00 -8.49
N VAL B 187 -30.81 -0.76 -8.01
CA VAL B 187 -29.61 -0.24 -7.35
C VAL B 187 -29.99 0.66 -6.16
N LYS B 188 -29.04 0.84 -5.25
CA LYS B 188 -29.24 1.66 -4.03
C LYS B 188 -27.89 1.91 -3.42
N GLN B 189 -27.72 2.98 -2.64
CA GLN B 189 -26.40 3.16 -2.01
C GLN B 189 -26.33 2.27 -0.77
N GLY B 190 -25.16 1.69 -0.55
CA GLY B 190 -24.94 0.80 0.58
C GLY B 190 -23.48 0.50 0.81
N ASP B 191 -23.20 0.04 2.02
CA ASP B 191 -21.86 -0.31 2.47
C ASP B 191 -22.00 -1.70 3.06
N ILE B 192 -21.36 -2.69 2.44
CA ILE B 192 -21.43 -4.07 2.96
C ILE B 192 -20.83 -4.19 4.38
N LEU B 193 -20.03 -3.21 4.77
CA LEU B 193 -19.43 -3.19 6.09
C LEU B 193 -20.38 -2.63 7.15
N SER B 194 -21.22 -1.68 6.75
CA SER B 194 -22.16 -1.00 7.65
C SER B 194 -23.56 -1.59 7.69
N ASP B 195 -24.14 -1.84 6.52
CA ASP B 195 -25.49 -2.38 6.39
C ASP B 195 -25.63 -3.72 7.09
N PRO B 196 -26.87 -4.06 7.51
CA PRO B 196 -27.08 -5.35 8.18
C PRO B 196 -26.76 -6.54 7.28
N SER B 197 -26.16 -7.57 7.88
CA SER B 197 -25.78 -8.79 7.19
C SER B 197 -27.05 -9.03 6.38
N GLY B 198 -26.88 -9.11 5.06
CA GLY B 198 -27.93 -9.55 4.14
C GLY B 198 -27.88 -11.02 3.75
N GLU B 199 -28.80 -11.40 2.87
CA GLU B 199 -28.92 -12.75 2.34
C GLU B 199 -29.12 -12.65 0.83
N SER B 200 -28.44 -13.52 0.09
CA SER B 200 -28.50 -13.51 -1.38
C SER B 200 -28.28 -14.90 -1.91
N ASP B 201 -28.56 -15.11 -3.20
CA ASP B 201 -28.35 -16.41 -3.81
C ASP B 201 -26.89 -16.45 -4.27
N LEU B 202 -26.50 -15.48 -5.09
CA LEU B 202 -25.11 -15.35 -5.56
C LEU B 202 -24.60 -13.96 -5.15
N LEU B 203 -23.54 -13.94 -4.36
CA LEU B 203 -22.93 -12.70 -3.90
C LEU B 203 -21.67 -12.37 -4.69
N LEU B 204 -21.64 -11.20 -5.33
CA LEU B 204 -20.48 -10.77 -6.11
C LEU B 204 -19.65 -9.70 -5.38
N MET B 205 -18.35 -9.95 -5.25
CA MET B 205 -17.41 -9.00 -4.67
C MET B 205 -16.27 -8.83 -5.67
N PHE B 206 -16.50 -8.02 -6.71
CA PHE B 206 -15.47 -7.78 -7.70
C PHE B 206 -14.54 -6.65 -7.25
N LYS B 207 -13.25 -6.97 -7.13
CA LYS B 207 -12.22 -6.01 -6.73
C LYS B 207 -12.66 -5.21 -5.52
N LEU B 208 -13.00 -5.92 -4.46
CA LEU B 208 -13.50 -5.30 -3.22
C LEU B 208 -12.92 -5.85 -1.91
N TYR B 209 -12.54 -7.12 -1.90
CA TYR B 209 -12.04 -7.78 -0.69
C TYR B 209 -10.89 -7.11 0.03
N THR B 210 -9.82 -6.73 -0.67
CA THR B 210 -8.68 -6.10 0.02
C THR B 210 -8.96 -4.64 0.34
N LEU B 211 -9.90 -4.04 -0.36
CA LEU B 211 -10.30 -2.67 -0.11
C LEU B 211 -11.03 -2.62 1.23
N LEU B 212 -11.80 -3.67 1.53
CA LEU B 212 -12.50 -3.78 2.80
C LEU B 212 -11.48 -3.93 3.94
N ASP B 213 -10.52 -4.84 3.77
CA ASP B 213 -9.47 -5.06 4.78
C ASP B 213 -8.63 -3.80 5.06
N ARG B 214 -8.71 -2.81 4.18
CA ARG B 214 -8.02 -1.54 4.35
C ARG B 214 -8.91 -0.63 5.22
N GLN B 215 -10.19 -0.58 4.87
CA GLN B 215 -11.19 0.21 5.61
C GLN B 215 -11.32 -0.28 7.03
N GLU B 216 -11.31 -1.60 7.19
CA GLU B 216 -11.39 -2.24 8.50
C GLU B 216 -10.70 -3.60 8.43
N GLU B 217 -9.68 -3.77 9.28
CA GLU B 217 -8.88 -5.01 9.29
C GLU B 217 -9.73 -6.26 9.49
N ALA B 218 -9.44 -7.28 8.69
CA ALA B 218 -10.14 -8.57 8.75
C ALA B 218 -11.63 -8.50 8.41
N SER B 219 -12.10 -7.35 7.92
CA SER B 219 -13.52 -7.21 7.59
C SER B 219 -13.96 -8.09 6.43
N GLY B 220 -13.07 -8.32 5.47
CA GLY B 220 -13.40 -9.16 4.31
C GLY B 220 -13.85 -10.57 4.66
N LEU B 221 -13.06 -11.27 5.48
CA LEU B 221 -13.38 -12.64 5.90
C LEU B 221 -14.62 -12.65 6.79
N LYS B 222 -14.76 -11.61 7.61
CA LYS B 222 -15.90 -11.44 8.53
C LYS B 222 -17.21 -11.42 7.71
N ILE B 223 -17.24 -10.57 6.69
CA ILE B 223 -18.39 -10.43 5.80
C ILE B 223 -18.70 -11.73 5.05
N LEU B 224 -17.66 -12.41 4.58
CA LEU B 224 -17.87 -13.69 3.88
C LEU B 224 -18.43 -14.78 4.80
N GLN B 225 -18.20 -14.64 6.11
CA GLN B 225 -18.71 -15.60 7.09
C GLN B 225 -20.05 -15.15 7.70
N GLU B 226 -20.32 -13.84 7.65
CA GLU B 226 -21.57 -13.31 8.21
C GLU B 226 -22.71 -13.30 7.19
N TRP B 227 -22.45 -12.85 5.96
CA TRP B 227 -23.48 -12.90 4.91
C TRP B 227 -23.81 -14.35 4.59
N LYS B 228 -25.07 -14.60 4.26
CA LYS B 228 -25.53 -15.92 3.87
C LYS B 228 -25.71 -15.91 2.36
N TYR B 229 -25.12 -16.90 1.69
CA TYR B 229 -25.17 -17.02 0.24
C TYR B 229 -24.90 -18.45 -0.18
N LYS B 230 -25.46 -18.86 -1.31
CA LYS B 230 -25.19 -20.20 -1.84
C LYS B 230 -23.75 -20.21 -2.33
N ASN B 231 -23.43 -19.17 -3.10
CA ASN B 231 -22.10 -18.99 -3.67
C ASN B 231 -21.76 -17.52 -3.65
N ALA B 232 -20.47 -17.23 -3.63
CA ALA B 232 -19.96 -15.87 -3.65
C ALA B 232 -18.78 -15.86 -4.61
N VAL B 233 -18.57 -14.73 -5.30
CA VAL B 233 -17.49 -14.61 -6.25
C VAL B 233 -16.58 -13.45 -5.83
N ILE B 234 -15.39 -13.79 -5.34
CA ILE B 234 -14.41 -12.81 -4.88
C ILE B 234 -13.38 -12.68 -6.00
N SER B 235 -13.23 -11.47 -6.52
CA SER B 235 -12.33 -11.14 -7.64
C SER B 235 -11.15 -10.23 -7.31
N PHE B 236 -9.94 -10.69 -7.60
CA PHE B 236 -8.68 -9.94 -7.39
C PHE B 236 -8.04 -9.65 -8.75
N PRO B 237 -7.44 -8.45 -8.92
CA PRO B 237 -6.82 -8.14 -10.20
C PRO B 237 -5.43 -8.72 -10.34
N ILE B 238 -5.09 -9.14 -11.55
CA ILE B 238 -3.76 -9.65 -11.85
C ILE B 238 -3.06 -8.45 -12.49
N LYS B 239 -2.53 -7.57 -11.63
CA LYS B 239 -1.85 -6.34 -12.05
C LYS B 239 -0.58 -6.52 -12.92
N THR B 240 -0.17 -7.77 -13.13
CA THR B 240 0.99 -8.08 -13.98
C THR B 240 0.67 -9.25 -14.91
N ILE B 241 0.29 -8.95 -16.15
CA ILE B 241 -0.02 -9.97 -17.15
C ILE B 241 1.29 -10.47 -17.74
N SER B 242 1.50 -11.79 -17.70
CA SER B 242 2.72 -12.43 -18.20
C SER B 242 3.98 -11.80 -17.61
N GLY B 243 3.94 -11.55 -16.31
CA GLY B 243 5.05 -10.93 -15.58
C GLY B 243 5.79 -11.89 -14.66
N ARG B 244 6.00 -11.46 -13.42
CA ARG B 244 6.74 -12.23 -12.41
C ARG B 244 6.70 -11.47 -11.07
N ASP B 245 6.80 -12.18 -9.96
CA ASP B 245 6.79 -11.56 -8.61
C ASP B 245 8.22 -11.43 -8.08
N VAL B 246 8.70 -10.19 -8.01
CA VAL B 246 10.06 -9.87 -7.54
C VAL B 246 10.07 -9.30 -6.10
N GLY B 247 8.90 -9.20 -5.48
CA GLY B 247 8.80 -8.64 -4.13
C GLY B 247 8.81 -7.12 -4.15
N MET B 248 8.17 -6.58 -5.17
CA MET B 248 8.08 -5.14 -5.42
C MET B 248 6.78 -4.55 -4.83
N GLU B 249 5.73 -5.37 -4.83
CA GLU B 249 4.43 -5.01 -4.27
C GLU B 249 3.91 -6.22 -3.50
N GLU B 250 2.98 -6.00 -2.57
CA GLU B 250 2.43 -7.08 -1.76
C GLU B 250 1.41 -7.87 -2.54
N ASN B 251 1.42 -9.18 -2.35
CA ASN B 251 0.51 -10.09 -3.03
C ASN B 251 -0.70 -10.36 -2.14
N TYR B 252 -1.79 -9.65 -2.42
CA TYR B 252 -3.01 -9.78 -1.65
C TYR B 252 -3.87 -10.98 -2.08
N THR B 253 -3.61 -11.54 -3.26
CA THR B 253 -4.39 -12.69 -3.72
C THR B 253 -4.02 -13.89 -2.88
N VAL B 254 -2.74 -14.12 -2.64
CA VAL B 254 -2.32 -15.26 -1.81
C VAL B 254 -2.73 -15.02 -0.36
N LYS B 255 -2.89 -13.76 0.02
CA LYS B 255 -3.30 -13.44 1.40
C LYS B 255 -4.73 -13.93 1.60
N PHE B 256 -5.60 -13.63 0.62
CA PHE B 256 -7.00 -14.08 0.67
C PHE B 256 -7.09 -15.59 0.70
N GLU B 257 -6.28 -16.23 -0.14
CA GLU B 257 -6.30 -17.67 -0.24
C GLU B 257 -5.79 -18.31 1.06
N ASN B 258 -4.93 -17.61 1.78
CA ASN B 258 -4.43 -18.08 3.07
C ASN B 258 -5.50 -17.82 4.16
N ASP B 259 -6.20 -16.69 4.06
CA ASP B 259 -7.26 -16.33 5.03
C ASP B 259 -8.33 -17.40 5.15
N LEU B 260 -8.67 -18.04 4.03
CA LEU B 260 -9.71 -19.07 4.01
C LEU B 260 -9.31 -20.41 4.63
N VAL B 261 -8.02 -20.64 4.80
CA VAL B 261 -7.53 -21.89 5.40
C VAL B 261 -8.24 -22.16 6.73
N GLY B 262 -8.29 -21.14 7.59
CA GLY B 262 -8.95 -21.26 8.89
C GLY B 262 -10.46 -21.47 8.81
N SER B 263 -11.11 -20.71 7.93
CA SER B 263 -12.57 -20.78 7.74
C SER B 263 -13.00 -22.11 7.15
N ASP B 264 -14.33 -22.29 7.08
CA ASP B 264 -14.94 -23.48 6.49
C ASP B 264 -15.51 -23.08 5.12
N LEU B 265 -14.95 -22.03 4.53
CA LEU B 265 -15.40 -21.58 3.22
C LEU B 265 -14.61 -22.34 2.19
N ARG B 266 -15.32 -23.11 1.38
CA ARG B 266 -14.68 -23.89 0.34
C ARG B 266 -14.52 -23.13 -0.96
N ILE B 267 -13.37 -23.31 -1.59
CA ILE B 267 -13.09 -22.68 -2.88
C ILE B 267 -13.60 -23.65 -3.94
N MET B 268 -14.72 -23.31 -4.58
CA MET B 268 -15.31 -24.18 -5.62
C MET B 268 -14.41 -24.18 -6.84
N GLN B 269 -14.04 -22.98 -7.27
CA GLN B 269 -13.09 -22.81 -8.35
C GLN B 269 -12.38 -21.48 -8.37
N LYS B 270 -11.20 -21.53 -8.95
CA LYS B 270 -10.33 -20.40 -9.11
C LYS B 270 -10.26 -20.23 -10.63
N LEU B 271 -11.01 -19.25 -11.15
CA LEU B 271 -11.07 -18.96 -12.58
C LEU B 271 -10.19 -17.78 -12.99
N LYS B 272 -9.15 -18.04 -13.77
CA LYS B 272 -8.29 -16.99 -14.32
C LYS B 272 -9.04 -16.61 -15.59
N LEU B 273 -9.49 -15.36 -15.69
CA LEU B 273 -10.25 -14.93 -16.85
C LEU B 273 -9.95 -13.47 -17.09
N GLY B 274 -9.23 -13.19 -18.17
CA GLY B 274 -8.82 -11.83 -18.50
C GLY B 274 -7.65 -11.49 -17.60
N ASN B 275 -7.68 -10.28 -17.05
CA ASN B 275 -6.62 -9.81 -16.15
C ASN B 275 -7.12 -9.70 -14.69
N GLU B 276 -7.86 -10.74 -14.28
CA GLU B 276 -8.42 -10.90 -12.93
C GLU B 276 -8.55 -12.38 -12.59
N MET B 277 -8.32 -12.71 -11.32
CA MET B 277 -8.44 -14.08 -10.82
C MET B 277 -9.74 -14.10 -10.02
N TYR B 278 -10.69 -14.94 -10.41
CA TYR B 278 -11.97 -15.05 -9.71
C TYR B 278 -12.04 -16.28 -8.83
N PHE B 279 -12.40 -16.09 -7.57
CA PHE B 279 -12.53 -17.18 -6.62
C PHE B 279 -14.00 -17.34 -6.31
N ILE B 280 -14.56 -18.47 -6.71
CA ILE B 280 -15.96 -18.76 -6.45
C ILE B 280 -15.88 -19.51 -5.14
N VAL B 281 -16.64 -19.03 -4.14
CA VAL B 281 -16.62 -19.60 -2.80
C VAL B 281 -18.00 -20.02 -2.31
N SER B 282 -18.09 -21.25 -1.82
CA SER B 282 -19.33 -21.81 -1.28
C SER B 282 -19.03 -22.35 0.09
N ARG B 283 -20.07 -22.54 0.88
CA ARG B 283 -19.91 -22.99 2.26
C ARG B 283 -20.28 -24.46 2.53
N LEU B 284 -21.09 -25.05 1.66
CA LEU B 284 -21.50 -26.45 1.82
C LEU B 284 -20.46 -27.45 1.28
N ASP C 8 -16.00 19.50 -57.39
CA ASP C 8 -15.14 18.41 -57.94
C ASP C 8 -13.90 18.96 -58.68
N ASN C 9 -14.10 20.03 -59.44
CA ASN C 9 -13.02 20.66 -60.20
C ASN C 9 -12.41 21.82 -59.43
N TYR C 10 -13.26 22.61 -58.76
CA TYR C 10 -12.76 23.76 -57.98
C TYR C 10 -11.92 23.29 -56.78
N ILE C 11 -12.08 22.03 -56.40
CA ILE C 11 -11.27 21.44 -55.34
C ILE C 11 -9.83 21.50 -55.83
N GLU C 12 -9.61 21.08 -57.08
CA GLU C 12 -8.28 21.08 -57.71
C GLU C 12 -7.69 22.51 -57.83
N GLU C 13 -8.57 23.51 -57.97
CA GLU C 13 -8.14 24.93 -58.05
C GLU C 13 -7.43 25.34 -56.76
N VAL C 14 -8.06 25.00 -55.63
CA VAL C 14 -7.51 25.32 -54.30
C VAL C 14 -6.28 24.49 -53.96
N THR C 15 -6.30 23.18 -54.25
CA THR C 15 -5.16 22.31 -53.94
C THR C 15 -3.89 22.76 -54.66
N ALA C 16 -4.02 23.09 -55.93
CA ALA C 16 -2.87 23.55 -56.72
C ALA C 16 -2.37 24.88 -56.15
N LYS C 17 -3.30 25.75 -55.77
CA LYS C 17 -2.97 27.06 -55.19
C LYS C 17 -2.27 26.92 -53.84
N VAL C 18 -2.58 25.85 -53.10
CA VAL C 18 -1.94 25.60 -51.81
C VAL C 18 -0.59 24.94 -52.07
N LEU C 19 -0.55 23.98 -52.98
CA LEU C 19 0.70 23.27 -53.33
C LEU C 19 1.78 24.17 -53.94
N THR C 20 1.38 25.13 -54.76
CA THR C 20 2.33 26.05 -55.39
C THR C 20 2.89 27.09 -54.40
N SER C 21 2.11 27.39 -53.35
CA SER C 21 2.51 28.37 -52.34
C SER C 21 3.70 27.92 -51.49
N GLY C 22 4.42 28.89 -50.93
CA GLY C 22 5.60 28.64 -50.10
C GLY C 22 5.34 28.03 -48.72
N LYS C 23 4.16 28.27 -48.17
CA LYS C 23 3.79 27.76 -46.84
C LYS C 23 3.74 26.23 -46.79
N TYR C 24 2.98 25.63 -47.71
CA TYR C 24 2.79 24.17 -47.79
C TYR C 24 3.26 23.62 -49.13
N SER C 25 4.49 23.96 -49.50
CA SER C 25 5.08 23.50 -50.77
C SER C 25 5.31 22.00 -50.80
N THR C 26 6.37 21.56 -50.11
CA THR C 26 6.75 20.14 -50.10
C THR C 26 5.85 19.31 -49.16
N LEU C 27 4.62 19.07 -49.61
CA LEU C 27 3.64 18.29 -48.85
C LEU C 27 2.96 17.31 -49.80
N TYR C 28 2.72 16.10 -49.31
CA TYR C 28 2.08 15.04 -50.11
C TYR C 28 0.74 15.54 -50.66
N PRO C 29 0.64 15.74 -51.99
CA PRO C 29 -0.58 16.28 -52.60
C PRO C 29 -1.91 15.62 -52.20
N PRO C 30 -1.98 14.28 -52.15
CA PRO C 30 -3.26 13.69 -51.76
C PRO C 30 -3.79 14.16 -50.40
N THR C 31 -2.88 14.60 -49.52
CA THR C 31 -3.28 15.09 -48.19
C THR C 31 -4.04 16.41 -48.35
N VAL C 32 -3.48 17.36 -49.10
CA VAL C 32 -4.14 18.65 -49.32
C VAL C 32 -5.48 18.44 -50.04
N ARG C 33 -5.51 17.52 -51.00
CA ARG C 33 -6.73 17.20 -51.74
C ARG C 33 -7.78 16.53 -50.86
N ARG C 34 -7.32 15.72 -49.89
CA ARG C 34 -8.22 14.99 -48.98
C ARG C 34 -8.98 16.02 -48.11
N VAL C 35 -8.21 16.96 -47.55
CA VAL C 35 -8.73 18.01 -46.68
C VAL C 35 -9.63 18.96 -47.45
N THR C 36 -9.16 19.39 -48.62
CA THR C 36 -9.93 20.32 -49.46
C THR C 36 -11.28 19.72 -49.83
N GLU C 37 -11.31 18.42 -50.10
CA GLU C 37 -12.55 17.71 -50.46
C GLU C 37 -13.47 17.57 -49.24
N ARG C 38 -12.88 17.37 -48.06
CA ARG C 38 -13.64 17.28 -46.79
C ARG C 38 -14.32 18.61 -46.48
N LEU C 39 -13.53 19.67 -46.52
CA LEU C 39 -14.02 21.02 -46.23
C LEU C 39 -14.88 21.64 -47.33
N PHE C 40 -14.82 21.08 -48.54
CA PHE C 40 -15.62 21.58 -49.66
C PHE C 40 -17.11 21.43 -49.38
N ASP C 41 -17.47 20.41 -48.61
CA ASP C 41 -18.87 20.14 -48.26
C ASP C 41 -19.45 21.05 -47.16
N ARG C 42 -18.60 21.86 -46.51
CA ARG C 42 -19.08 22.77 -45.45
C ARG C 42 -18.73 24.27 -45.61
N TYR C 43 -17.98 24.63 -46.66
CA TYR C 43 -17.58 26.04 -46.88
C TYR C 43 -17.63 26.41 -48.38
N PRO C 44 -17.87 27.70 -48.70
CA PRO C 44 -17.97 28.16 -50.08
C PRO C 44 -16.61 28.41 -50.77
N PRO C 45 -16.52 28.14 -52.09
CA PRO C 45 -15.32 28.27 -52.94
C PRO C 45 -14.38 29.46 -52.64
N LYS C 46 -14.94 30.67 -52.56
CA LYS C 46 -14.13 31.87 -52.29
C LYS C 46 -13.54 31.92 -50.87
N GLN C 47 -14.10 31.12 -49.96
CA GLN C 47 -13.63 31.06 -48.58
C GLN C 47 -13.27 29.62 -48.15
N LEU C 48 -12.89 28.81 -49.13
CA LEU C 48 -12.51 27.41 -48.87
C LEU C 48 -11.09 27.37 -48.34
N GLU C 49 -10.15 27.96 -49.07
CA GLU C 49 -8.74 28.00 -48.66
C GLU C 49 -8.54 28.84 -47.40
N LYS C 50 -9.52 29.71 -47.10
CA LYS C 50 -9.47 30.51 -45.88
C LYS C 50 -9.32 29.56 -44.69
N GLU C 51 -10.10 28.48 -44.70
CA GLU C 51 -10.07 27.49 -43.63
C GLU C 51 -9.25 26.24 -43.95
N VAL C 52 -8.92 26.01 -45.22
CA VAL C 52 -8.06 24.86 -45.56
C VAL C 52 -6.63 25.22 -45.14
N ARG C 53 -6.23 26.46 -45.43
CA ARG C 53 -4.91 26.97 -45.05
C ARG C 53 -4.79 26.93 -43.52
N LYS C 54 -5.93 27.12 -42.84
CA LYS C 54 -6.01 27.09 -41.38
C LYS C 54 -5.91 25.64 -40.89
N LYS C 55 -6.76 24.78 -41.46
CA LYS C 55 -6.84 23.35 -41.10
C LYS C 55 -5.51 22.61 -41.15
N LEU C 56 -4.61 23.03 -42.04
CA LEU C 56 -3.31 22.35 -42.19
C LEU C 56 -2.35 22.51 -41.01
N HIS C 57 -2.07 23.75 -40.57
CA HIS C 57 -1.14 23.93 -39.43
C HIS C 57 -1.74 23.50 -38.09
N GLN C 58 -3.06 23.26 -38.07
CA GLN C 58 -3.75 22.82 -36.84
C GLN C 58 -3.63 21.29 -36.66
N ALA C 59 -3.14 20.58 -37.67
CA ALA C 59 -2.98 19.12 -37.59
C ALA C 59 -1.70 18.56 -38.25
N TYR C 60 -0.89 19.43 -38.88
CA TYR C 60 0.36 19.00 -39.54
C TYR C 60 1.48 19.98 -39.14
N GLY C 61 2.02 19.77 -37.94
CA GLY C 61 3.06 20.63 -37.37
C GLY C 61 4.47 20.57 -37.97
N ALA C 62 4.88 19.40 -38.45
CA ALA C 62 6.21 19.24 -39.04
C ALA C 62 6.35 19.96 -40.38
N TYR C 63 5.47 19.61 -41.32
CA TYR C 63 5.43 20.16 -42.70
C TYR C 63 6.81 20.47 -43.29
N LEU C 72 18.28 21.69 -43.07
CA LEU C 72 17.78 21.11 -41.83
C LEU C 72 18.17 19.62 -41.70
N GLU C 73 18.81 19.07 -42.73
CA GLU C 73 19.25 17.67 -42.76
C GLU C 73 20.74 17.52 -42.45
N LYS C 74 21.52 18.56 -42.75
CA LYS C 74 22.98 18.58 -42.56
C LYS C 74 23.50 18.03 -41.20
N LYS C 75 22.66 18.05 -40.17
CA LYS C 75 23.07 17.57 -38.83
C LYS C 75 22.71 16.10 -38.55
N ILE C 76 22.06 15.42 -39.49
CA ILE C 76 21.68 14.00 -39.32
C ILE C 76 22.86 13.05 -39.60
N GLU C 77 23.73 13.42 -40.53
CA GLU C 77 24.89 12.58 -40.91
C GLU C 77 25.85 12.12 -39.77
N LYS C 78 25.99 12.91 -38.72
CA LYS C 78 26.90 12.59 -37.59
C LYS C 78 26.27 11.64 -36.58
N THR C 92 31.84 -4.00 -31.99
CA THR C 92 32.64 -3.06 -32.77
C THR C 92 31.78 -2.47 -33.90
N ARG C 93 31.16 -3.35 -34.67
CA ARG C 93 30.32 -2.95 -35.81
C ARG C 93 28.85 -2.85 -35.37
N THR C 94 28.27 -3.99 -34.95
CA THR C 94 26.86 -4.05 -34.50
C THR C 94 26.50 -3.04 -33.39
N GLU C 95 27.46 -2.77 -32.51
CA GLU C 95 27.23 -1.84 -31.39
C GLU C 95 27.39 -0.38 -31.82
N TRP C 96 28.47 -0.05 -32.54
CA TRP C 96 28.71 1.33 -33.01
C TRP C 96 27.64 1.75 -34.00
N GLU C 97 27.28 0.81 -34.89
CA GLU C 97 26.28 1.06 -35.92
C GLU C 97 24.89 1.28 -35.32
N LYS C 98 24.61 0.67 -34.17
CA LYS C 98 23.31 0.83 -33.50
C LYS C 98 23.22 2.08 -32.62
N GLU C 99 24.27 2.35 -31.84
CA GLU C 99 24.29 3.52 -30.94
C GLU C 99 24.25 4.89 -31.61
N ILE C 100 24.64 4.96 -32.89
CA ILE C 100 24.62 6.24 -33.62
C ILE C 100 23.18 6.66 -33.99
N CYS C 101 22.26 5.68 -34.07
CA CYS C 101 20.86 5.95 -34.40
C CYS C 101 20.01 6.59 -33.28
N LEU C 102 20.30 6.25 -32.02
CA LEU C 102 19.54 6.82 -30.89
C LEU C 102 19.78 8.31 -30.69
N LYS C 103 20.96 8.79 -31.09
CA LYS C 103 21.32 10.21 -30.97
C LYS C 103 20.52 11.05 -31.97
N ILE C 104 20.20 10.47 -33.14
CA ILE C 104 19.41 11.14 -34.18
C ILE C 104 17.94 11.13 -33.75
N LEU C 105 17.51 10.01 -33.17
CA LEU C 105 16.15 9.86 -32.68
C LEU C 105 15.80 10.85 -31.55
N ASN C 106 16.83 11.47 -30.95
CA ASN C 106 16.62 12.47 -29.88
C ASN C 106 16.41 13.91 -30.40
N LEU C 107 16.10 14.07 -31.68
CA LEU C 107 15.87 15.40 -32.27
C LEU C 107 14.39 15.81 -32.18
N HIS C 108 13.52 15.03 -32.81
CA HIS C 108 12.08 15.30 -32.83
C HIS C 108 11.45 14.81 -31.52
N THR C 109 10.64 15.66 -30.88
CA THR C 109 9.98 15.37 -29.59
C THR C 109 9.19 14.05 -29.53
N SER C 110 8.55 13.69 -30.64
CA SER C 110 7.76 12.44 -30.72
C SER C 110 8.63 11.19 -30.53
N THR C 111 9.89 11.26 -30.99
CA THR C 111 10.83 10.13 -30.90
C THR C 111 11.77 10.13 -29.67
N ASN C 112 11.81 11.23 -28.90
CA ASN C 112 12.65 11.30 -27.68
C ASN C 112 12.16 10.36 -26.59
N GLU C 113 10.83 10.30 -26.44
CA GLU C 113 10.18 9.46 -25.44
C GLU C 113 10.24 7.95 -25.75
N ARG C 114 10.78 7.61 -26.93
CA ARG C 114 10.91 6.21 -27.36
C ARG C 114 12.35 5.70 -27.23
N THR C 115 13.33 6.59 -27.37
CA THR C 115 14.76 6.21 -27.24
C THR C 115 15.09 5.59 -25.89
N VAL C 116 14.28 5.91 -24.89
CA VAL C 116 14.44 5.34 -23.54
C VAL C 116 14.28 3.81 -23.67
N ALA C 117 13.45 3.34 -24.60
CA ALA C 117 12.96 1.95 -24.61
C ALA C 117 12.87 1.26 -26.00
N TYR C 118 13.59 1.75 -27.01
CA TYR C 118 13.57 1.09 -28.34
C TYR C 118 14.18 -0.31 -28.31
N ASP C 119 15.24 -0.49 -27.51
CA ASP C 119 15.94 -1.79 -27.40
C ASP C 119 15.03 -3.01 -27.17
N GLU C 120 14.05 -2.86 -26.28
CA GLU C 120 13.11 -3.94 -25.97
C GLU C 120 11.66 -3.61 -26.40
N LEU C 121 11.52 -2.63 -27.29
CA LEU C 121 10.20 -2.22 -27.79
C LEU C 121 9.59 -3.33 -28.63
N TYR C 122 10.24 -3.62 -29.76
CA TYR C 122 9.78 -4.65 -30.68
C TYR C 122 9.82 -6.03 -30.06
N GLN C 123 10.77 -6.26 -29.15
CA GLN C 123 10.91 -7.55 -28.47
C GLN C 123 9.61 -7.87 -27.71
N LYS C 124 9.08 -6.90 -26.96
CA LYS C 124 7.82 -7.10 -26.23
C LYS C 124 6.64 -7.24 -27.19
N ILE C 125 6.71 -6.53 -28.31
CA ILE C 125 5.66 -6.58 -29.33
C ILE C 125 5.69 -7.93 -30.06
N PHE C 126 6.89 -8.38 -30.45
CA PHE C 126 7.02 -9.67 -31.13
C PHE C 126 6.79 -10.85 -30.19
N GLU C 127 6.94 -10.62 -28.87
CA GLU C 127 6.70 -11.68 -27.87
C GLU C 127 5.20 -12.01 -27.83
N VAL C 128 4.37 -11.06 -28.28
CA VAL C 128 2.93 -11.22 -28.33
C VAL C 128 2.50 -11.61 -29.74
N THR C 129 2.84 -10.76 -30.72
CA THR C 129 2.44 -10.96 -32.13
C THR C 129 3.14 -12.11 -32.87
N GLY C 130 4.47 -12.07 -32.85
CA GLY C 130 5.32 -13.04 -33.54
C GLY C 130 6.34 -12.25 -34.33
N VAL C 131 7.27 -12.95 -34.97
CA VAL C 131 8.30 -12.29 -35.78
C VAL C 131 7.74 -12.12 -37.19
N PRO C 132 7.53 -10.86 -37.63
CA PRO C 132 6.95 -10.59 -38.95
C PRO C 132 7.92 -10.66 -40.11
N THR C 133 7.36 -10.74 -41.32
CA THR C 133 8.14 -10.81 -42.56
C THR C 133 8.31 -9.42 -43.18
N SER C 134 7.41 -8.49 -42.86
CA SER C 134 7.46 -7.13 -43.39
C SER C 134 6.82 -6.14 -42.43
N ILE C 135 7.38 -4.94 -42.34
CA ILE C 135 6.83 -3.88 -41.48
C ILE C 135 6.34 -2.69 -42.34
N THR C 136 5.27 -2.07 -41.88
CA THR C 136 4.68 -0.89 -42.53
C THR C 136 4.49 0.15 -41.44
N ASP C 137 5.23 1.25 -41.54
CA ASP C 137 5.19 2.31 -40.54
C ASP C 137 4.44 3.55 -41.06
N ALA C 138 3.20 3.72 -40.60
CA ALA C 138 2.36 4.85 -40.99
C ALA C 138 2.75 6.09 -40.21
N GLY C 139 3.27 7.11 -40.90
CA GLY C 139 3.72 8.34 -40.26
C GLY C 139 4.96 8.00 -39.48
N CYS C 140 5.93 7.43 -40.19
CA CYS C 140 7.18 6.97 -39.59
C CYS C 140 8.04 8.07 -38.96
N ALA C 141 8.12 9.23 -39.61
CA ALA C 141 8.95 10.35 -39.14
C ALA C 141 10.42 9.89 -39.01
N LEU C 142 11.02 9.97 -37.83
CA LEU C 142 12.43 9.55 -37.64
C LEU C 142 12.57 8.07 -37.24
N ASN C 143 11.46 7.34 -37.16
CA ASN C 143 11.46 5.92 -36.75
C ASN C 143 12.15 4.94 -37.74
N PRO C 144 12.40 5.35 -39.01
CA PRO C 144 13.13 4.37 -39.83
C PRO C 144 14.54 4.04 -39.27
N PHE C 145 15.16 5.01 -38.58
CA PHE C 145 16.48 4.79 -37.97
C PHE C 145 16.44 3.78 -36.81
N SER C 146 15.25 3.26 -36.52
CA SER C 146 15.08 2.24 -35.49
C SER C 146 15.31 0.82 -36.06
N PHE C 147 15.95 0.74 -37.25
CA PHE C 147 16.21 -0.55 -37.89
C PHE C 147 17.19 -1.48 -37.17
N PRO C 148 18.26 -0.95 -36.52
CA PRO C 148 19.14 -1.92 -35.86
C PRO C 148 18.47 -2.70 -34.72
N PHE C 149 17.33 -2.21 -34.24
CA PHE C 149 16.60 -2.85 -33.15
C PHE C 149 15.68 -3.95 -33.67
N PHE C 150 14.78 -3.63 -34.61
CA PHE C 150 13.86 -4.66 -35.15
C PHE C 150 14.59 -5.68 -36.04
N THR C 151 15.82 -5.36 -36.44
CA THR C 151 16.67 -6.28 -37.21
C THR C 151 17.31 -7.24 -36.19
N GLU C 152 17.67 -6.72 -35.02
CA GLU C 152 18.27 -7.52 -33.94
C GLU C 152 17.19 -8.36 -33.24
N ALA C 153 15.95 -7.85 -33.22
CA ALA C 153 14.82 -8.52 -32.57
C ALA C 153 14.34 -9.77 -33.31
N GLY C 154 14.48 -9.79 -34.63
CA GLY C 154 14.07 -10.94 -35.43
C GLY C 154 13.54 -10.64 -36.84
N MET C 155 13.07 -9.43 -37.07
CA MET C 155 12.50 -9.06 -38.38
C MET C 155 13.60 -8.68 -39.39
N LEU C 156 13.82 -9.57 -40.37
CA LEU C 156 14.79 -9.36 -41.44
C LEU C 156 14.03 -9.33 -42.76
N GLY C 157 13.36 -8.21 -43.03
CA GLY C 157 12.57 -8.10 -44.26
C GLY C 157 12.21 -6.69 -44.68
N GLN C 158 11.17 -6.61 -45.53
CA GLN C 158 10.70 -5.37 -46.10
C GLN C 158 10.15 -4.40 -45.04
N TYR C 159 10.78 -3.24 -44.93
CA TYR C 159 10.32 -2.17 -44.04
C TYR C 159 9.91 -1.01 -44.93
N ILE C 160 8.66 -0.56 -44.78
CA ILE C 160 8.11 0.52 -45.57
C ILE C 160 7.65 1.63 -44.63
N GLY C 161 8.42 2.72 -44.58
CA GLY C 161 8.09 3.87 -43.75
C GLY C 161 7.65 5.00 -44.65
N PHE C 162 6.57 5.69 -44.27
CA PHE C 162 6.09 6.83 -45.05
C PHE C 162 5.57 7.95 -44.18
N ASP C 163 5.74 9.18 -44.67
CA ASP C 163 5.29 10.36 -43.96
C ASP C 163 4.89 11.41 -45.02
N LEU C 164 4.41 12.57 -44.58
CA LEU C 164 3.93 13.61 -45.50
C LEU C 164 5.01 14.38 -46.26
N ASP C 165 5.87 15.11 -45.53
CA ASP C 165 6.92 15.95 -46.12
C ASP C 165 7.97 15.15 -46.89
N LYS C 166 8.08 15.42 -48.19
CA LYS C 166 9.05 14.75 -49.07
C LYS C 166 10.48 15.14 -48.72
N GLY C 167 10.69 16.41 -48.33
CA GLY C 167 12.02 16.90 -47.95
C GLY C 167 12.59 16.23 -46.71
N MET C 168 11.72 15.82 -45.80
CA MET C 168 12.12 15.14 -44.58
C MET C 168 12.37 13.65 -44.86
N ILE C 169 11.87 13.18 -46.01
CA ILE C 169 12.06 11.80 -46.47
C ILE C 169 13.31 11.75 -47.37
N GLU C 170 13.58 12.87 -48.06
CA GLU C 170 14.80 13.01 -48.87
C GLU C 170 15.96 12.86 -47.92
N ALA C 171 15.81 13.47 -46.75
CA ALA C 171 16.80 13.43 -45.68
C ALA C 171 17.08 12.01 -45.21
N ILE C 172 16.01 11.26 -44.96
CA ILE C 172 16.10 9.88 -44.46
C ILE C 172 16.70 8.89 -45.47
N GLU C 173 16.28 8.95 -46.72
CA GLU C 173 16.80 8.01 -47.74
C GLU C 173 18.31 8.21 -47.95
N HIS C 174 18.75 9.47 -47.89
CA HIS C 174 20.17 9.82 -48.04
C HIS C 174 20.96 9.40 -46.79
N SER C 175 20.29 9.41 -45.63
CA SER C 175 20.91 9.01 -44.36
C SER C 175 21.04 7.50 -44.24
N LEU C 176 19.98 6.77 -44.62
CA LEU C 176 20.01 5.29 -44.61
C LEU C 176 21.10 4.76 -45.53
N ARG C 177 21.29 5.43 -46.67
CA ARG C 177 22.33 5.07 -47.65
C ARG C 177 23.73 5.26 -47.05
N THR C 178 23.86 6.25 -46.15
CA THR C 178 25.13 6.53 -45.48
C THR C 178 25.46 5.39 -44.51
N LEU C 179 24.49 5.04 -43.66
CA LEU C 179 24.67 3.96 -42.68
C LEU C 179 24.59 2.54 -43.27
N ASN C 180 24.23 2.44 -44.56
CA ASN C 180 24.11 1.13 -45.23
C ASN C 180 23.18 0.17 -44.49
N ALA C 181 21.90 0.54 -44.45
CA ALA C 181 20.89 -0.28 -43.81
C ALA C 181 20.48 -1.36 -44.82
N PRO C 182 19.93 -2.50 -44.35
CA PRO C 182 19.51 -3.59 -45.25
C PRO C 182 18.65 -3.12 -46.43
N GLU C 183 18.69 -3.88 -47.54
CA GLU C 183 17.90 -3.54 -48.75
C GLU C 183 16.38 -3.45 -48.50
N GLY C 184 15.93 -4.04 -47.38
CA GLY C 184 14.52 -4.00 -47.01
C GLY C 184 14.08 -2.74 -46.25
N ILE C 185 15.00 -1.81 -46.00
CA ILE C 185 14.68 -0.57 -45.28
C ILE C 185 14.36 0.51 -46.32
N VAL C 186 13.14 0.45 -46.85
CA VAL C 186 12.64 1.37 -47.88
C VAL C 186 11.85 2.52 -47.25
N VAL C 187 12.02 3.73 -47.82
CA VAL C 187 11.34 4.93 -47.33
C VAL C 187 10.69 5.67 -48.51
N LYS C 188 9.40 5.99 -48.36
CA LYS C 188 8.63 6.70 -49.40
C LYS C 188 7.77 7.75 -48.73
N GLN C 189 6.91 8.42 -49.50
CA GLN C 189 5.97 9.38 -48.93
C GLN C 189 4.56 8.83 -49.06
N GLY C 190 3.71 9.18 -48.10
CA GLY C 190 2.34 8.70 -48.08
C GLY C 190 1.56 9.27 -46.91
N ASP C 191 0.26 9.04 -46.93
CA ASP C 191 -0.65 9.51 -45.90
C ASP C 191 -1.72 8.45 -45.73
N ILE C 192 -1.67 7.79 -44.59
CA ILE C 192 -2.60 6.72 -44.24
C ILE C 192 -4.07 7.17 -44.43
N LEU C 193 -4.35 8.43 -44.16
CA LEU C 193 -5.70 8.99 -44.28
C LEU C 193 -6.20 9.15 -45.71
N SER C 194 -5.39 9.79 -46.55
CA SER C 194 -5.77 10.06 -47.93
C SER C 194 -5.49 8.94 -48.94
N ASP C 195 -4.46 8.12 -48.72
CA ASP C 195 -4.15 7.01 -49.64
C ASP C 195 -5.18 5.90 -49.53
N PRO C 196 -5.23 5.00 -50.52
CA PRO C 196 -6.16 3.87 -50.42
C PRO C 196 -5.60 2.84 -49.47
N SER C 197 -6.48 1.98 -48.94
CA SER C 197 -6.07 0.93 -48.01
C SER C 197 -5.09 -0.02 -48.68
N GLY C 198 -4.14 -0.54 -47.89
CA GLY C 198 -3.10 -1.43 -48.41
C GLY C 198 -2.88 -2.69 -47.58
N GLU C 199 -1.76 -3.36 -47.86
CA GLU C 199 -1.40 -4.60 -47.17
C GLU C 199 -0.13 -4.42 -46.31
N SER C 200 -0.09 -5.16 -45.20
CA SER C 200 1.04 -5.10 -44.27
C SER C 200 1.02 -6.33 -43.38
N ASP C 201 2.19 -6.82 -43.00
CA ASP C 201 2.26 -7.94 -42.06
C ASP C 201 2.10 -7.27 -40.70
N LEU C 202 2.94 -6.28 -40.42
CA LEU C 202 2.89 -5.49 -39.18
C LEU C 202 2.65 -4.03 -39.55
N LEU C 203 1.59 -3.43 -38.97
CA LEU C 203 1.22 -2.02 -39.23
C LEU C 203 1.47 -1.12 -38.01
N LEU C 204 2.45 -0.23 -38.10
CA LEU C 204 2.77 0.67 -36.99
C LEU C 204 2.12 2.05 -37.14
N MET C 205 1.24 2.38 -36.20
CA MET C 205 0.56 3.66 -36.14
C MET C 205 0.89 4.30 -34.78
N PHE C 206 2.12 4.80 -34.65
CA PHE C 206 2.54 5.41 -33.39
C PHE C 206 2.17 6.90 -33.30
N LYS C 207 1.41 7.26 -32.26
CA LYS C 207 0.96 8.64 -32.01
C LYS C 207 0.31 9.23 -33.24
N LEU C 208 -0.81 8.61 -33.61
CA LEU C 208 -1.51 9.01 -34.82
C LEU C 208 -3.04 8.91 -34.73
N TYR C 209 -3.56 7.88 -34.06
CA TYR C 209 -5.02 7.69 -33.97
C TYR C 209 -5.81 8.93 -33.53
N THR C 210 -5.37 9.63 -32.48
CA THR C 210 -6.10 10.83 -32.01
C THR C 210 -5.96 11.97 -33.03
N LEU C 211 -4.74 12.15 -33.53
CA LEU C 211 -4.43 13.15 -34.54
C LEU C 211 -5.27 12.93 -35.81
N LEU C 212 -5.61 11.66 -36.10
CA LEU C 212 -6.46 11.34 -37.25
C LEU C 212 -7.92 11.67 -36.98
N ASP C 213 -8.37 11.53 -35.73
CA ASP C 213 -9.76 11.86 -35.37
C ASP C 213 -10.05 13.36 -35.41
N ARG C 214 -9.10 14.18 -35.00
CA ARG C 214 -9.30 15.64 -35.02
C ARG C 214 -9.36 16.14 -36.47
N GLN C 215 -8.64 15.45 -37.37
CA GLN C 215 -8.64 15.79 -38.81
C GLN C 215 -9.94 15.30 -39.43
N GLU C 216 -10.36 14.08 -39.08
CA GLU C 216 -11.60 13.48 -39.57
C GLU C 216 -12.18 12.52 -38.55
N GLU C 217 -13.40 12.79 -38.09
CA GLU C 217 -14.08 11.95 -37.10
C GLU C 217 -14.21 10.50 -37.59
N ALA C 218 -13.85 9.55 -36.71
CA ALA C 218 -13.92 8.11 -36.99
C ALA C 218 -12.96 7.61 -38.10
N SER C 219 -12.03 8.45 -38.54
CA SER C 219 -11.09 8.05 -39.59
C SER C 219 -10.09 7.00 -39.09
N GLY C 220 -9.65 7.13 -37.84
CA GLY C 220 -8.72 6.17 -37.26
C GLY C 220 -9.31 4.77 -37.30
N LEU C 221 -10.58 4.68 -36.91
CA LEU C 221 -11.32 3.41 -36.92
C LEU C 221 -11.46 2.87 -38.33
N LYS C 222 -11.92 3.74 -39.23
CA LYS C 222 -12.09 3.39 -40.65
C LYS C 222 -10.83 2.73 -41.21
N ILE C 223 -9.69 3.36 -40.97
CA ILE C 223 -8.39 2.85 -41.43
C ILE C 223 -8.09 1.44 -40.90
N LEU C 224 -8.33 1.20 -39.62
CA LEU C 224 -8.09 -0.12 -39.02
C LEU C 224 -9.02 -1.20 -39.56
N GLN C 225 -10.18 -0.79 -40.09
CA GLN C 225 -11.16 -1.73 -40.68
C GLN C 225 -10.90 -2.01 -42.16
N GLU C 226 -10.10 -1.17 -42.82
CA GLU C 226 -9.85 -1.31 -44.26
C GLU C 226 -8.47 -1.84 -44.66
N TRP C 227 -7.43 -1.54 -43.88
CA TRP C 227 -6.08 -2.06 -44.17
C TRP C 227 -5.95 -3.55 -43.87
N LYS C 228 -5.43 -4.31 -44.84
CA LYS C 228 -5.21 -5.74 -44.64
C LYS C 228 -3.96 -5.94 -43.80
N TYR C 229 -4.15 -6.42 -42.57
CA TYR C 229 -3.04 -6.68 -41.67
C TYR C 229 -3.34 -7.83 -40.70
N LYS C 230 -2.30 -8.59 -40.37
CA LYS C 230 -2.42 -9.67 -39.42
C LYS C 230 -2.35 -9.02 -38.04
N ASN C 231 -1.40 -8.10 -37.88
CA ASN C 231 -1.21 -7.34 -36.63
C ASN C 231 -0.98 -5.84 -36.89
N ALA C 232 -1.39 -5.01 -35.93
CA ALA C 232 -1.23 -3.54 -36.00
C ALA C 232 -0.99 -2.96 -34.59
N VAL C 233 -0.05 -2.02 -34.48
CA VAL C 233 0.30 -1.42 -33.18
C VAL C 233 -0.13 0.05 -33.11
N ILE C 234 -1.12 0.35 -32.25
CA ILE C 234 -1.65 1.72 -32.09
C ILE C 234 -1.20 2.36 -30.75
N SER C 235 -0.41 3.42 -30.85
CA SER C 235 0.14 4.11 -29.68
C SER C 235 -0.62 5.38 -29.26
N PHE C 236 -0.44 5.76 -27.98
CA PHE C 236 -1.03 6.97 -27.37
C PHE C 236 -0.09 7.49 -26.29
N PRO C 237 -0.07 8.81 -26.05
CA PRO C 237 0.79 9.34 -25.00
C PRO C 237 0.12 9.21 -23.63
N ILE C 238 0.88 8.88 -22.59
CA ILE C 238 0.33 8.74 -21.24
C ILE C 238 0.22 10.16 -20.64
N LYS C 239 -0.87 10.43 -19.92
CA LYS C 239 -1.09 11.75 -19.31
C LYS C 239 -1.62 11.68 -17.88
N THR C 240 -1.49 12.80 -17.16
CA THR C 240 -1.92 12.90 -15.77
C THR C 240 -3.45 13.02 -15.64
N ILE C 241 -3.96 12.77 -14.43
CA ILE C 241 -5.40 12.81 -14.12
C ILE C 241 -5.74 14.01 -13.24
N SER C 242 -6.96 14.53 -13.40
CA SER C 242 -7.45 15.66 -12.60
C SER C 242 -8.14 15.14 -11.34
N VAL C 246 -10.80 10.84 -10.86
CA VAL C 246 -10.46 9.87 -9.83
C VAL C 246 -11.26 8.57 -10.05
N GLY C 247 -10.54 7.45 -10.12
CA GLY C 247 -11.16 6.14 -10.35
C GLY C 247 -11.95 6.13 -11.65
N MET C 248 -11.36 6.69 -12.70
CA MET C 248 -12.00 6.81 -14.00
C MET C 248 -10.93 6.67 -15.08
N GLU C 249 -11.21 5.92 -16.15
CA GLU C 249 -10.23 5.74 -17.24
C GLU C 249 -9.92 7.05 -17.96
N GLU C 250 -8.78 7.08 -18.65
CA GLU C 250 -8.34 8.28 -19.37
C GLU C 250 -9.30 8.63 -20.51
N ASN C 251 -9.38 9.92 -20.82
CA ASN C 251 -10.30 10.45 -21.84
C ASN C 251 -10.05 9.91 -23.25
N TYR C 252 -8.78 9.72 -23.62
CA TYR C 252 -8.44 9.21 -24.97
C TYR C 252 -8.22 7.69 -24.98
N THR C 253 -7.78 7.12 -23.85
CA THR C 253 -7.59 5.67 -23.77
C THR C 253 -8.93 4.98 -24.01
N VAL C 254 -9.99 5.53 -23.42
CA VAL C 254 -11.33 4.95 -23.55
C VAL C 254 -11.91 5.04 -24.97
N LYS C 255 -11.93 6.23 -25.58
CA LYS C 255 -12.54 6.39 -26.92
C LYS C 255 -11.94 5.49 -28.00
N PHE C 256 -10.68 5.06 -27.84
CA PHE C 256 -10.07 4.16 -28.81
C PHE C 256 -10.74 2.80 -28.72
N GLU C 257 -10.61 2.15 -27.55
CA GLU C 257 -11.21 0.83 -27.32
C GLU C 257 -12.74 0.87 -27.26
N ASN C 258 -13.31 2.07 -27.12
CA ASN C 258 -14.75 2.24 -27.09
C ASN C 258 -15.27 2.18 -28.54
N ASP C 259 -14.42 2.58 -29.49
CA ASP C 259 -14.76 2.56 -30.93
C ASP C 259 -14.58 1.17 -31.58
N LEU C 260 -13.77 0.30 -30.97
CA LEU C 260 -13.53 -1.05 -31.52
C LEU C 260 -14.55 -2.10 -31.07
N VAL C 261 -15.52 -1.72 -30.23
CA VAL C 261 -16.50 -2.68 -29.72
C VAL C 261 -17.35 -3.26 -30.86
N GLY C 262 -17.77 -2.41 -31.78
CA GLY C 262 -18.59 -2.85 -32.93
C GLY C 262 -17.79 -3.52 -34.04
N SER C 263 -16.48 -3.32 -34.03
CA SER C 263 -15.60 -3.89 -35.07
C SER C 263 -15.32 -5.38 -34.86
N ASP C 264 -14.68 -5.98 -35.87
CA ASP C 264 -14.28 -7.39 -35.86
C ASP C 264 -12.84 -7.49 -35.32
N LEU C 265 -12.23 -6.33 -35.03
CA LEU C 265 -10.86 -6.26 -34.51
C LEU C 265 -10.80 -6.62 -33.03
N ARG C 266 -9.59 -6.67 -32.50
CA ARG C 266 -9.39 -7.03 -31.10
C ARG C 266 -8.19 -6.29 -30.50
N ILE C 267 -8.00 -6.45 -29.20
CA ILE C 267 -6.87 -5.87 -28.47
C ILE C 267 -6.18 -7.04 -27.77
N MET C 268 -5.01 -7.46 -28.28
CA MET C 268 -4.29 -8.60 -27.69
C MET C 268 -3.43 -8.25 -26.47
N GLN C 269 -2.89 -7.04 -26.41
CA GLN C 269 -2.03 -6.65 -25.29
C GLN C 269 -2.02 -5.13 -25.09
N LYS C 270 -2.29 -4.69 -23.86
CA LYS C 270 -2.28 -3.27 -23.51
C LYS C 270 -0.90 -2.97 -22.92
N LEU C 271 0.10 -2.95 -23.80
CA LEU C 271 1.49 -2.71 -23.44
C LEU C 271 1.82 -1.26 -23.12
N LYS C 272 2.30 -1.01 -21.91
CA LYS C 272 2.75 0.31 -21.48
C LYS C 272 4.27 0.26 -21.58
N LEU C 273 4.88 1.39 -21.94
CA LEU C 273 6.35 1.45 -22.08
C LEU C 273 6.84 2.88 -22.14
N GLY C 274 7.75 3.23 -21.22
CA GLY C 274 8.31 4.59 -21.16
C GLY C 274 6.91 5.01 -20.78
N ASN C 275 6.36 5.90 -21.60
CA ASN C 275 5.25 6.82 -21.32
C ASN C 275 4.19 6.77 -22.44
N GLU C 276 4.05 5.60 -23.07
CA GLU C 276 3.10 5.39 -24.15
C GLU C 276 2.31 4.12 -23.92
N MET C 277 1.03 4.13 -24.31
CA MET C 277 0.15 2.99 -24.13
C MET C 277 -0.08 2.31 -25.49
N TYR C 278 0.76 1.32 -25.81
CA TYR C 278 0.67 0.59 -27.07
C TYR C 278 -0.43 -0.46 -27.04
N PHE C 279 -1.18 -0.55 -28.13
CA PHE C 279 -2.24 -1.54 -28.30
C PHE C 279 -1.83 -2.44 -29.45
N ILE C 280 -2.22 -3.70 -29.37
CA ILE C 280 -1.90 -4.67 -30.40
C ILE C 280 -3.25 -5.18 -30.92
N VAL C 281 -3.52 -4.91 -32.20
CA VAL C 281 -4.79 -5.26 -32.84
C VAL C 281 -4.63 -6.35 -33.91
N SER C 282 -5.59 -7.27 -33.98
CA SER C 282 -5.58 -8.37 -34.97
C SER C 282 -6.99 -8.71 -35.44
N ARG C 283 -7.11 -9.07 -36.72
CA ARG C 283 -8.40 -9.42 -37.31
C ARG C 283 -8.90 -10.82 -36.93
N LEU C 284 -10.21 -11.02 -37.08
CA LEU C 284 -10.88 -12.28 -36.76
C LEU C 284 -10.62 -12.74 -35.33
N ASP D 8 -33.72 -18.93 23.16
CA ASP D 8 -32.89 -20.07 22.68
C ASP D 8 -31.51 -19.61 22.21
N ASN D 9 -30.53 -19.65 23.12
CA ASN D 9 -29.15 -19.27 22.82
C ASN D 9 -28.25 -20.50 22.77
N TYR D 10 -27.64 -20.72 21.61
CA TYR D 10 -26.71 -21.84 21.43
C TYR D 10 -25.37 -21.56 22.14
N ILE D 11 -25.09 -20.28 22.42
CA ILE D 11 -23.87 -19.88 23.13
C ILE D 11 -23.90 -20.52 24.54
N GLU D 12 -25.11 -20.63 25.10
CA GLU D 12 -25.32 -21.25 26.41
C GLU D 12 -24.96 -22.72 26.38
N GLU D 13 -25.66 -23.44 25.49
CA GLU D 13 -25.51 -24.88 25.30
C GLU D 13 -24.07 -25.30 24.99
N VAL D 14 -23.46 -24.58 24.05
CA VAL D 14 -22.09 -24.87 23.61
C VAL D 14 -21.02 -24.67 24.68
N THR D 15 -20.96 -23.47 25.26
CA THR D 15 -19.94 -23.16 26.29
C THR D 15 -20.07 -24.08 27.49
N ALA D 16 -21.30 -24.40 27.87
CA ALA D 16 -21.56 -25.27 29.01
C ALA D 16 -20.90 -26.64 28.85
N LYS D 17 -21.02 -27.22 27.65
CA LYS D 17 -20.46 -28.55 27.37
C LYS D 17 -18.94 -28.54 27.22
N VAL D 18 -18.40 -27.51 26.57
CA VAL D 18 -16.95 -27.39 26.39
C VAL D 18 -16.30 -27.22 27.76
N LEU D 19 -16.96 -26.44 28.63
CA LEU D 19 -16.46 -26.20 29.99
C LEU D 19 -16.46 -27.47 30.81
N THR D 20 -17.55 -28.25 30.72
CA THR D 20 -17.66 -29.52 31.44
C THR D 20 -17.01 -30.63 30.61
N SER D 21 -15.71 -30.47 30.36
CA SER D 21 -14.92 -31.42 29.56
C SER D 21 -13.68 -31.86 30.33
N GLY D 22 -12.87 -32.70 29.69
CA GLY D 22 -11.66 -33.23 30.28
C GLY D 22 -10.58 -32.20 30.58
N LYS D 23 -10.05 -31.57 29.52
CA LYS D 23 -8.95 -30.61 29.66
C LYS D 23 -9.34 -29.13 29.49
N TYR D 24 -10.60 -28.81 29.82
CA TYR D 24 -11.11 -27.44 29.79
C TYR D 24 -11.74 -27.09 31.14
N SER D 25 -11.71 -28.05 32.07
CA SER D 25 -12.30 -27.89 33.41
C SER D 25 -11.63 -26.83 34.28
N THR D 26 -10.42 -26.40 33.91
CA THR D 26 -9.69 -25.42 34.70
C THR D 26 -9.59 -24.05 33.99
N LEU D 27 -9.90 -24.04 32.69
CA LEU D 27 -9.86 -22.82 31.86
C LEU D 27 -10.98 -21.82 32.22
N TYR D 28 -10.61 -20.57 32.41
CA TYR D 28 -11.53 -19.46 32.77
C TYR D 28 -12.79 -19.43 31.87
N PRO D 29 -13.99 -19.73 32.45
CA PRO D 29 -15.26 -19.77 31.69
C PRO D 29 -15.62 -18.61 30.75
N PRO D 30 -15.47 -17.33 31.18
CA PRO D 30 -15.82 -16.25 30.26
C PRO D 30 -14.98 -16.22 28.98
N THR D 31 -13.81 -16.87 29.00
CA THR D 31 -12.95 -16.97 27.83
C THR D 31 -13.67 -17.80 26.78
N VAL D 32 -14.12 -18.97 27.20
CA VAL D 32 -14.85 -19.91 26.34
C VAL D 32 -16.14 -19.28 25.85
N ARG D 33 -16.78 -18.47 26.70
CA ARG D 33 -18.03 -17.81 26.33
C ARG D 33 -17.81 -16.82 25.22
N ARG D 34 -16.73 -16.07 25.32
CA ARG D 34 -16.43 -15.07 24.30
C ARG D 34 -16.00 -15.69 22.98
N VAL D 35 -15.28 -16.80 23.04
CA VAL D 35 -14.84 -17.49 21.84
C VAL D 35 -16.09 -18.00 21.11
N THR D 36 -17.02 -18.59 21.85
CA THR D 36 -18.25 -19.11 21.27
C THR D 36 -19.15 -17.98 20.75
N GLU D 37 -19.14 -16.86 21.46
CA GLU D 37 -19.99 -15.71 21.09
C GLU D 37 -19.58 -15.09 19.74
N ARG D 38 -18.30 -15.14 19.40
CA ARG D 38 -17.83 -14.62 18.10
C ARG D 38 -18.15 -15.59 16.96
N LEU D 39 -17.90 -16.88 17.21
CA LEU D 39 -18.15 -17.94 16.23
C LEU D 39 -19.64 -18.18 15.92
N PHE D 40 -20.53 -17.72 16.79
CA PHE D 40 -21.97 -17.88 16.58
C PHE D 40 -22.44 -17.15 15.31
N ASP D 41 -21.99 -15.91 15.14
CA ASP D 41 -22.36 -15.12 13.96
C ASP D 41 -21.66 -15.59 12.68
N ARG D 42 -20.55 -16.32 12.84
CA ARG D 42 -19.79 -16.84 11.70
C ARG D 42 -20.29 -18.19 11.22
N TYR D 43 -20.12 -19.23 12.04
CA TYR D 43 -20.52 -20.60 11.67
C TYR D 43 -21.99 -20.90 12.05
N PRO D 44 -22.57 -21.95 11.44
CA PRO D 44 -23.97 -22.28 11.75
C PRO D 44 -24.09 -23.07 13.06
N PRO D 45 -25.23 -22.92 13.78
CA PRO D 45 -25.50 -23.59 15.07
C PRO D 45 -25.06 -25.04 15.20
N LYS D 46 -25.26 -25.85 14.17
CA LYS D 46 -24.89 -27.26 14.19
C LYS D 46 -23.37 -27.49 14.18
N GLN D 47 -22.61 -26.50 13.72
CA GLN D 47 -21.15 -26.60 13.61
C GLN D 47 -20.43 -25.75 14.67
N LEU D 48 -21.18 -25.12 15.56
CA LEU D 48 -20.58 -24.22 16.57
C LEU D 48 -19.64 -24.91 17.57
N GLU D 49 -20.12 -25.93 18.27
CA GLU D 49 -19.28 -26.64 19.26
C GLU D 49 -17.97 -27.16 18.67
N LYS D 50 -18.03 -27.67 17.43
CA LYS D 50 -16.85 -28.23 16.77
C LYS D 50 -15.78 -27.16 16.51
N GLU D 51 -16.21 -26.00 16.04
CA GLU D 51 -15.27 -24.89 15.75
C GLU D 51 -14.70 -24.23 16.99
N VAL D 52 -15.52 -24.12 18.04
CA VAL D 52 -15.04 -23.48 19.27
C VAL D 52 -13.94 -24.30 19.96
N ARG D 53 -14.03 -25.63 19.95
CA ARG D 53 -12.97 -26.42 20.58
C ARG D 53 -11.71 -26.39 19.73
N LYS D 54 -11.90 -26.20 18.42
CA LYS D 54 -10.80 -26.10 17.48
C LYS D 54 -10.07 -24.78 17.70
N LYS D 55 -10.82 -23.72 17.99
CA LYS D 55 -10.25 -22.39 18.25
C LYS D 55 -9.46 -22.34 19.54
N LEU D 56 -9.92 -23.10 20.54
CA LEU D 56 -9.25 -23.15 21.86
C LEU D 56 -7.94 -23.92 21.80
N HIS D 57 -7.95 -25.05 21.08
CA HIS D 57 -6.74 -25.87 20.93
C HIS D 57 -5.69 -25.08 20.15
N GLN D 58 -6.16 -24.20 19.26
CA GLN D 58 -5.30 -23.35 18.45
C GLN D 58 -4.73 -22.20 19.27
N ALA D 59 -5.62 -21.35 19.76
CA ALA D 59 -5.24 -20.17 20.54
C ALA D 59 -4.68 -20.45 21.92
N TYR D 60 -5.50 -21.07 22.76
CA TYR D 60 -5.14 -21.39 24.14
C TYR D 60 -4.54 -22.79 24.26
N GLY D 61 -3.62 -23.13 23.34
CA GLY D 61 -3.00 -24.46 23.32
C GLY D 61 -2.12 -24.78 24.52
N ALA D 62 -1.25 -23.84 24.88
CA ALA D 62 -0.35 -24.01 26.01
C ALA D 62 -1.06 -23.96 27.37
N TYR D 63 -2.35 -23.63 27.36
CA TYR D 63 -3.15 -23.57 28.60
C TYR D 63 -4.10 -24.78 28.76
N ILE D 64 -4.06 -25.71 27.80
CA ILE D 64 -4.88 -26.93 27.86
C ILE D 64 -4.11 -28.00 28.64
N GLY D 65 -2.82 -28.15 28.31
CA GLY D 65 -1.96 -29.14 28.97
C GLY D 65 -0.53 -28.65 29.16
N GLY D 66 -0.37 -27.37 29.50
CA GLY D 66 0.95 -26.78 29.73
C GLY D 66 1.45 -27.11 31.12
N ILE D 67 0.64 -26.74 32.11
CA ILE D 67 0.94 -26.98 33.53
C ILE D 67 -0.29 -27.51 34.25
N ASP D 68 -0.08 -28.53 35.08
CA ASP D 68 -1.16 -29.15 35.82
C ASP D 68 -1.68 -28.21 36.92
N GLY D 69 -0.76 -27.68 37.72
CA GLY D 69 -1.08 -26.79 38.82
C GLY D 69 -0.65 -27.47 40.11
N LYS D 70 -0.99 -28.75 40.22
CA LYS D 70 -0.62 -29.56 41.39
C LYS D 70 0.88 -29.88 41.32
N ARG D 71 1.36 -30.13 40.11
CA ARG D 71 2.79 -30.42 39.88
C ARG D 71 3.62 -29.16 40.08
N LEU D 72 3.03 -28.00 39.80
CA LEU D 72 3.72 -26.73 39.98
C LEU D 72 4.01 -26.48 41.45
N GLU D 73 2.95 -26.55 42.27
CA GLU D 73 3.03 -26.32 43.72
C GLU D 73 4.08 -27.18 44.43
N LYS D 74 4.26 -28.43 43.99
CA LYS D 74 5.28 -29.29 44.60
C LYS D 74 6.70 -28.84 44.25
N LYS D 75 6.91 -28.40 43.01
CA LYS D 75 8.22 -27.91 42.59
C LYS D 75 8.60 -26.62 43.32
N ILE D 76 7.61 -25.77 43.58
CA ILE D 76 7.84 -24.51 44.29
C ILE D 76 8.21 -24.81 45.75
N GLU D 77 7.45 -25.69 46.40
CA GLU D 77 7.75 -26.08 47.79
C GLU D 77 9.17 -26.65 47.92
N LYS D 78 9.61 -27.40 46.91
CA LYS D 78 10.95 -27.99 46.90
C LYS D 78 12.03 -26.90 47.00
N ILE D 79 11.80 -25.77 46.32
CA ILE D 79 12.74 -24.64 46.34
C ILE D 79 12.76 -23.96 47.71
N ILE D 80 11.59 -23.77 48.31
CA ILE D 80 11.46 -23.11 49.61
C ILE D 80 12.08 -23.92 50.77
N HIS D 81 12.00 -25.26 50.68
CA HIS D 81 12.59 -26.13 51.71
C HIS D 81 14.13 -26.01 51.75
N GLU D 82 14.76 -26.17 50.59
CA GLU D 82 16.22 -26.08 50.50
C GLU D 82 16.68 -24.63 50.57
N THR D 92 21.39 -10.48 56.40
CA THR D 92 20.47 -10.16 55.33
C THR D 92 19.24 -11.07 55.39
N ARG D 93 18.15 -10.53 55.94
CA ARG D 93 16.89 -11.27 56.07
C ARG D 93 16.11 -11.29 54.76
N THR D 94 16.25 -10.21 53.98
CA THR D 94 15.57 -10.07 52.69
C THR D 94 16.25 -10.89 51.57
N GLU D 95 17.58 -10.84 51.49
CA GLU D 95 18.33 -11.58 50.46
C GLU D 95 17.96 -13.07 50.36
N TRP D 96 17.51 -13.63 51.47
CA TRP D 96 17.05 -15.03 51.52
C TRP D 96 15.78 -15.19 50.70
N GLU D 97 14.82 -14.30 50.92
CA GLU D 97 13.53 -14.35 50.23
C GLU D 97 13.66 -14.00 48.74
N LYS D 98 14.63 -13.16 48.39
CA LYS D 98 14.84 -12.79 46.99
C LYS D 98 15.31 -13.98 46.16
N GLU D 99 16.37 -14.66 46.59
CA GLU D 99 16.89 -15.82 45.86
C GLU D 99 15.86 -16.94 45.72
N ILE D 100 14.96 -17.07 46.68
CA ILE D 100 13.90 -18.07 46.60
C ILE D 100 12.94 -17.64 45.49
N CYS D 101 12.44 -16.42 45.61
CA CYS D 101 11.54 -15.86 44.59
C CYS D 101 12.20 -15.83 43.22
N LEU D 102 13.49 -15.51 43.19
CA LEU D 102 14.25 -15.44 41.95
C LEU D 102 14.33 -16.82 41.30
N LYS D 103 14.46 -17.87 42.12
CA LYS D 103 14.51 -19.26 41.61
C LYS D 103 13.11 -19.82 41.32
N ILE D 104 12.08 -19.28 41.96
CA ILE D 104 10.70 -19.71 41.68
C ILE D 104 10.32 -19.17 40.31
N LEU D 105 10.81 -17.97 39.99
CA LEU D 105 10.55 -17.32 38.71
C LEU D 105 11.24 -18.02 37.53
N ASN D 106 12.41 -18.63 37.76
CA ASN D 106 13.14 -19.28 36.66
C ASN D 106 12.46 -20.54 36.05
N LEU D 107 11.32 -20.96 36.60
CA LEU D 107 10.60 -22.14 36.08
C LEU D 107 9.69 -21.95 34.84
N HIS D 108 9.81 -22.90 33.91
CA HIS D 108 9.27 -22.87 32.53
C HIS D 108 9.90 -21.55 31.95
N THR D 109 9.15 -20.75 31.18
CA THR D 109 9.73 -19.72 30.29
C THR D 109 9.13 -18.29 30.40
N SER D 110 7.93 -18.15 30.97
CA SER D 110 7.30 -16.83 31.09
C SER D 110 8.15 -15.86 31.93
N THR D 111 8.73 -16.38 33.01
CA THR D 111 9.54 -15.57 33.95
C THR D 111 10.98 -16.11 34.08
N ASN D 112 11.42 -16.94 33.14
CA ASN D 112 12.76 -17.54 33.17
C ASN D 112 13.87 -16.54 32.84
N GLU D 113 13.73 -15.84 31.72
CA GLU D 113 14.73 -14.87 31.26
C GLU D 113 14.82 -13.61 32.14
N ARG D 114 13.68 -13.14 32.65
CA ARG D 114 13.66 -11.92 33.49
C ARG D 114 14.48 -12.01 34.78
N THR D 115 14.71 -13.24 35.28
CA THR D 115 15.47 -13.47 36.52
C THR D 115 16.78 -12.67 36.62
N VAL D 116 17.42 -12.46 35.48
CA VAL D 116 18.68 -11.70 35.44
C VAL D 116 18.44 -10.18 35.66
N ALA D 117 17.22 -9.70 35.41
CA ALA D 117 16.90 -8.27 35.52
C ALA D 117 16.08 -7.79 36.73
N TYR D 118 15.20 -8.64 37.26
CA TYR D 118 14.31 -8.26 38.38
C TYR D 118 14.81 -7.29 39.47
N ASP D 119 16.08 -7.40 39.87
CA ASP D 119 16.62 -6.50 40.91
C ASP D 119 16.60 -5.00 40.55
N GLU D 120 16.46 -4.66 39.27
CA GLU D 120 16.42 -3.26 38.83
C GLU D 120 15.30 -2.95 37.82
N LEU D 121 14.50 -3.95 37.46
CA LEU D 121 13.41 -3.77 36.50
C LEU D 121 12.42 -2.71 36.95
N TYR D 122 11.83 -2.92 38.12
CA TYR D 122 10.85 -1.97 38.67
C TYR D 122 11.43 -0.62 39.07
N GLN D 123 12.71 -0.58 39.40
CA GLN D 123 13.36 0.68 39.74
C GLN D 123 13.46 1.52 38.48
N LYS D 124 13.83 0.89 37.36
CA LYS D 124 13.94 1.58 36.08
C LYS D 124 12.57 1.98 35.52
N ILE D 125 11.55 1.16 35.77
CA ILE D 125 10.20 1.50 35.32
C ILE D 125 9.69 2.68 36.14
N PHE D 126 9.80 2.60 37.47
CA PHE D 126 9.30 3.69 38.33
C PHE D 126 9.98 5.06 38.14
N GLU D 127 11.17 5.08 37.53
CA GLU D 127 11.85 6.36 37.25
C GLU D 127 11.07 7.14 36.18
N VAL D 128 10.34 6.40 35.33
CA VAL D 128 9.56 6.99 34.25
C VAL D 128 8.10 7.19 34.66
N THR D 129 7.50 6.15 35.24
CA THR D 129 6.11 6.20 35.65
C THR D 129 5.86 6.82 37.03
N GLY D 130 6.88 6.79 37.89
CA GLY D 130 6.72 7.26 39.26
C GLY D 130 6.18 6.08 40.04
N VAL D 131 6.45 6.04 41.34
CA VAL D 131 5.96 4.95 42.19
C VAL D 131 4.43 4.89 42.15
N PRO D 132 3.86 3.80 41.59
CA PRO D 132 2.41 3.70 41.48
C PRO D 132 1.71 3.28 42.78
N THR D 133 0.42 3.60 42.86
CA THR D 133 -0.42 3.29 44.01
C THR D 133 -0.89 1.85 43.99
N SER D 134 -0.91 1.25 42.80
CA SER D 134 -1.34 -0.14 42.62
C SER D 134 -0.75 -0.70 41.32
N ILE D 135 -0.77 -2.03 41.18
CA ILE D 135 -0.29 -2.70 39.99
C ILE D 135 -1.25 -3.77 39.54
N THR D 136 -1.71 -3.67 38.29
CA THR D 136 -2.59 -4.67 37.71
C THR D 136 -1.66 -5.43 36.79
N ASP D 137 -1.67 -6.76 36.89
CA ASP D 137 -0.80 -7.59 36.08
C ASP D 137 -1.63 -8.63 35.32
N ALA D 138 -1.87 -8.36 34.03
CA ALA D 138 -2.66 -9.25 33.17
C ALA D 138 -1.79 -10.41 32.68
N GLY D 139 -2.31 -11.64 32.74
CA GLY D 139 -1.56 -12.83 32.33
C GLY D 139 -0.30 -12.88 33.16
N CYS D 140 -0.49 -12.71 34.46
CA CYS D 140 0.61 -12.60 35.43
C CYS D 140 1.62 -13.73 35.45
N ALA D 141 1.20 -14.94 35.06
CA ALA D 141 2.11 -16.08 35.09
C ALA D 141 2.70 -16.17 36.50
N LEU D 142 4.00 -16.45 36.63
CA LEU D 142 4.64 -16.50 37.94
C LEU D 142 5.15 -15.12 38.40
N ASN D 143 4.78 -14.05 37.69
CA ASN D 143 5.25 -12.70 38.05
C ASN D 143 4.87 -12.23 39.48
N PRO D 144 3.75 -12.74 40.06
CA PRO D 144 3.45 -12.28 41.42
C PRO D 144 4.59 -12.51 42.39
N PHE D 145 5.49 -13.45 42.09
CA PHE D 145 6.65 -13.70 42.95
C PHE D 145 7.73 -12.62 42.83
N SER D 146 7.49 -11.59 42.02
CA SER D 146 8.45 -10.49 41.92
C SER D 146 8.10 -9.39 42.93
N PHE D 147 7.27 -9.72 43.95
CA PHE D 147 6.89 -8.72 44.95
C PHE D 147 8.07 -8.17 45.76
N PRO D 148 9.09 -9.00 46.07
CA PRO D 148 10.19 -8.40 46.82
C PRO D 148 10.87 -7.27 46.06
N PHE D 149 10.85 -7.39 44.74
CA PHE D 149 11.47 -6.41 43.87
C PHE D 149 10.62 -5.14 43.74
N PHE D 150 9.33 -5.26 43.39
CA PHE D 150 8.50 -4.03 43.30
C PHE D 150 8.18 -3.42 44.67
N THR D 151 8.18 -4.24 45.73
CA THR D 151 7.94 -3.75 47.08
C THR D 151 9.14 -2.93 47.50
N GLU D 152 10.34 -3.46 47.25
CA GLU D 152 11.58 -2.73 47.60
C GLU D 152 11.71 -1.45 46.78
N ALA D 153 11.16 -1.47 45.57
CA ALA D 153 11.18 -0.31 44.68
C ALA D 153 10.19 0.77 45.11
N GLY D 154 9.50 0.56 46.22
CA GLY D 154 8.55 1.53 46.78
C GLY D 154 7.07 1.29 46.54
N MET D 155 6.74 0.18 45.87
CA MET D 155 5.33 -0.10 45.56
C MET D 155 4.70 -0.98 46.65
N LEU D 156 4.08 -0.32 47.64
CA LEU D 156 3.44 -1.02 48.75
C LEU D 156 1.93 -1.10 48.64
N GLY D 157 1.37 -0.54 47.57
CA GLY D 157 -0.06 -0.59 47.34
C GLY D 157 -0.49 -1.98 46.90
N GLN D 158 -1.73 -2.12 46.45
CA GLN D 158 -2.23 -3.44 46.07
C GLN D 158 -1.77 -3.91 44.69
N TYR D 159 -1.46 -5.20 44.61
CA TYR D 159 -1.05 -5.88 43.38
C TYR D 159 -2.11 -6.93 43.07
N ILE D 160 -2.83 -6.73 41.95
CA ILE D 160 -3.87 -7.66 41.52
C ILE D 160 -3.37 -8.30 40.24
N GLY D 161 -3.02 -9.58 40.30
CA GLY D 161 -2.51 -10.31 39.15
C GLY D 161 -3.45 -11.43 38.76
N PHE D 162 -3.73 -11.56 37.46
CA PHE D 162 -4.64 -12.61 37.00
C PHE D 162 -4.14 -13.36 35.77
N ASP D 163 -4.58 -14.60 35.64
CA ASP D 163 -4.22 -15.45 34.52
C ASP D 163 -5.41 -16.41 34.25
N LEU D 164 -5.29 -17.28 33.26
CA LEU D 164 -6.40 -18.16 32.86
C LEU D 164 -6.62 -19.42 33.68
N ASP D 165 -5.55 -20.17 33.89
CA ASP D 165 -5.61 -21.46 34.59
C ASP D 165 -5.90 -21.33 36.09
N LYS D 166 -7.01 -21.92 36.54
CA LYS D 166 -7.41 -21.87 37.96
C LYS D 166 -6.46 -22.67 38.88
N GLY D 167 -5.85 -23.73 38.34
CA GLY D 167 -4.91 -24.55 39.10
C GLY D 167 -3.59 -23.84 39.32
N MET D 168 -3.23 -22.97 38.37
CA MET D 168 -2.00 -22.19 38.47
C MET D 168 -2.17 -21.10 39.53
N ILE D 169 -3.26 -20.34 39.41
CA ILE D 169 -3.58 -19.26 40.34
C ILE D 169 -3.68 -19.77 41.78
N GLU D 170 -4.31 -20.93 41.96
CA GLU D 170 -4.47 -21.53 43.28
C GLU D 170 -3.08 -21.93 43.80
N ALA D 171 -2.25 -22.49 42.92
CA ALA D 171 -0.89 -22.88 43.29
C ALA D 171 -0.05 -21.67 43.71
N ILE D 172 -0.22 -20.56 42.98
CA ILE D 172 0.48 -19.32 43.29
C ILE D 172 -0.01 -18.73 44.62
N GLU D 173 -1.29 -18.91 44.92
CA GLU D 173 -1.86 -18.39 46.17
C GLU D 173 -1.29 -19.12 47.37
N HIS D 174 -1.30 -20.45 47.34
CA HIS D 174 -0.79 -21.22 48.47
C HIS D 174 0.70 -20.95 48.71
N SER D 175 1.44 -20.76 47.61
CA SER D 175 2.88 -20.47 47.69
C SER D 175 3.16 -19.07 48.24
N LEU D 176 2.37 -18.07 47.83
CA LEU D 176 2.56 -16.71 48.34
C LEU D 176 2.32 -16.62 49.86
N ARG D 177 1.50 -17.53 50.39
CA ARG D 177 1.22 -17.53 51.82
C ARG D 177 2.46 -18.11 52.53
N THR D 178 2.99 -19.21 51.99
CA THR D 178 4.17 -19.87 52.55
C THR D 178 5.36 -18.90 52.66
N LEU D 179 5.49 -17.99 51.70
CA LEU D 179 6.56 -16.99 51.71
C LEU D 179 6.23 -15.79 52.60
N ASN D 180 5.13 -15.85 53.34
CA ASN D 180 4.68 -14.75 54.20
C ASN D 180 4.70 -13.45 53.40
N ALA D 181 4.13 -13.49 52.21
CA ALA D 181 4.07 -12.32 51.34
C ALA D 181 3.06 -11.33 51.89
N PRO D 182 3.24 -10.02 51.59
CA PRO D 182 2.26 -9.06 52.08
C PRO D 182 0.85 -9.40 51.64
N GLU D 183 -0.13 -9.07 52.45
CA GLU D 183 -1.54 -9.36 52.13
C GLU D 183 -2.04 -8.54 50.93
N GLY D 184 -1.24 -7.56 50.50
CA GLY D 184 -1.57 -6.72 49.35
C GLY D 184 -1.21 -7.35 48.02
N ILE D 185 -0.56 -8.52 48.02
CA ILE D 185 -0.19 -9.24 46.79
C ILE D 185 -1.30 -10.26 46.52
N VAL D 186 -2.28 -9.84 45.72
CA VAL D 186 -3.46 -10.67 45.40
C VAL D 186 -3.48 -11.25 43.98
N VAL D 187 -3.98 -12.48 43.86
CA VAL D 187 -4.12 -13.14 42.56
C VAL D 187 -5.51 -13.77 42.41
N LYS D 188 -5.95 -13.88 41.17
CA LYS D 188 -7.26 -14.44 40.86
C LYS D 188 -7.25 -14.89 39.42
N GLN D 189 -8.26 -15.64 39.00
CA GLN D 189 -8.30 -16.01 37.58
C GLN D 189 -9.04 -14.90 36.83
N GLY D 190 -8.55 -14.58 35.64
CA GLY D 190 -9.15 -13.54 34.81
C GLY D 190 -8.54 -13.52 33.43
N ASP D 191 -9.22 -12.85 32.51
CA ASP D 191 -8.74 -12.73 31.13
C ASP D 191 -9.04 -11.31 30.64
N ILE D 192 -7.97 -10.57 30.33
CA ILE D 192 -8.10 -9.18 29.90
C ILE D 192 -8.88 -9.06 28.58
N LEU D 193 -8.93 -10.15 27.84
CA LEU D 193 -9.64 -10.21 26.55
C LEU D 193 -11.16 -10.40 26.70
N SER D 194 -11.56 -11.18 27.69
CA SER D 194 -12.98 -11.51 27.94
C SER D 194 -13.67 -10.64 28.98
N ASP D 195 -12.94 -10.30 30.03
CA ASP D 195 -13.49 -9.53 31.14
C ASP D 195 -13.80 -8.10 30.77
N PRO D 196 -14.72 -7.46 31.54
CA PRO D 196 -15.03 -6.06 31.30
C PRO D 196 -13.77 -5.25 31.41
N SER D 197 -13.61 -4.24 30.56
CA SER D 197 -12.42 -3.41 30.62
C SER D 197 -12.46 -2.68 31.97
N GLY D 198 -11.29 -2.53 32.59
CA GLY D 198 -11.19 -1.90 33.90
C GLY D 198 -10.26 -0.71 34.03
N GLU D 199 -9.97 -0.38 35.29
CA GLU D 199 -9.11 0.74 35.68
C GLU D 199 -7.84 0.21 36.32
N SER D 200 -6.76 0.98 36.18
CA SER D 200 -5.47 0.63 36.75
C SER D 200 -4.60 1.86 36.92
N ASP D 201 -3.56 1.71 37.74
CA ASP D 201 -2.59 2.76 37.91
C ASP D 201 -1.50 2.36 36.93
N LEU D 202 -0.82 1.25 37.23
CA LEU D 202 0.22 0.69 36.38
C LEU D 202 -0.27 -0.66 35.89
N LEU D 203 -0.43 -0.79 34.57
CA LEU D 203 -0.87 -2.05 33.95
C LEU D 203 0.35 -2.78 33.39
N LEU D 204 0.52 -4.05 33.75
CA LEU D 204 1.65 -4.82 33.25
C LEU D 204 1.20 -5.88 32.25
N MET D 205 1.71 -5.78 31.02
CA MET D 205 1.47 -6.78 29.99
C MET D 205 2.85 -7.35 29.65
N PHE D 206 3.30 -8.25 30.50
CA PHE D 206 4.61 -8.90 30.37
C PHE D 206 4.46 -10.15 29.49
N LYS D 207 5.02 -10.09 28.26
CA LYS D 207 4.94 -11.19 27.31
C LYS D 207 3.49 -11.63 27.14
N LEU D 208 2.67 -10.72 26.62
CA LEU D 208 1.25 -11.00 26.43
C LEU D 208 0.68 -10.39 25.14
N TYR D 209 1.13 -9.20 24.75
CA TYR D 209 0.62 -8.52 23.55
C TYR D 209 0.61 -9.39 22.28
N THR D 210 1.73 -10.03 21.97
CA THR D 210 1.79 -10.88 20.76
C THR D 210 0.87 -12.08 20.91
N LEU D 211 0.75 -12.58 22.13
CA LEU D 211 -0.12 -13.72 22.42
C LEU D 211 -1.58 -13.30 22.27
N LEU D 212 -1.91 -12.09 22.70
CA LEU D 212 -3.28 -11.57 22.58
C LEU D 212 -3.67 -11.51 21.11
N ASP D 213 -2.80 -10.94 20.29
CA ASP D 213 -3.05 -10.86 18.85
C ASP D 213 -3.24 -12.28 18.30
N ARG D 214 -2.47 -13.25 18.81
CA ARG D 214 -2.62 -14.64 18.37
C ARG D 214 -4.01 -15.18 18.77
N GLN D 215 -4.40 -14.96 20.03
CA GLN D 215 -5.72 -15.39 20.53
C GLN D 215 -6.84 -14.74 19.72
N GLU D 216 -6.62 -13.49 19.35
CA GLU D 216 -7.58 -12.73 18.54
C GLU D 216 -6.89 -11.56 17.85
N GLU D 217 -7.00 -11.53 16.52
CA GLU D 217 -6.37 -10.49 15.71
C GLU D 217 -6.72 -9.08 16.20
N ALA D 218 -5.70 -8.22 16.28
CA ALA D 218 -5.85 -6.82 16.69
C ALA D 218 -6.31 -6.58 18.14
N SER D 219 -6.49 -7.64 18.94
CA SER D 219 -6.97 -7.47 20.33
C SER D 219 -5.95 -6.76 21.23
N GLY D 220 -4.67 -6.94 20.93
CA GLY D 220 -3.61 -6.29 21.70
C GLY D 220 -3.82 -4.80 21.81
N LEU D 221 -3.88 -4.12 20.65
CA LEU D 221 -4.08 -2.68 20.63
C LEU D 221 -5.48 -2.28 21.10
N LYS D 222 -6.50 -3.09 20.80
CA LYS D 222 -7.88 -2.77 21.24
C LYS D 222 -7.90 -2.63 22.77
N ILE D 223 -7.31 -3.63 23.44
CA ILE D 223 -7.25 -3.65 24.89
C ILE D 223 -6.54 -2.44 25.44
N LEU D 224 -5.36 -2.12 24.91
CA LEU D 224 -4.61 -0.94 25.37
C LEU D 224 -5.39 0.35 25.24
N GLN D 225 -6.41 0.35 24.39
CA GLN D 225 -7.27 1.54 24.19
C GLN D 225 -8.57 1.47 24.98
N GLU D 226 -9.07 0.25 25.24
CA GLU D 226 -10.33 0.09 26.01
C GLU D 226 -10.10 0.14 27.53
N TRP D 227 -9.00 -0.45 28.00
CA TRP D 227 -8.64 -0.37 29.43
C TRP D 227 -8.11 1.00 29.72
N LYS D 228 -8.31 1.48 30.94
CA LYS D 228 -7.79 2.77 31.35
C LYS D 228 -6.69 2.55 32.37
N TYR D 229 -5.59 3.27 32.20
CA TYR D 229 -4.43 3.19 33.07
C TYR D 229 -3.63 4.48 32.96
N LYS D 230 -2.80 4.78 33.96
CA LYS D 230 -1.93 5.97 33.88
C LYS D 230 -0.71 5.61 33.05
N ASN D 231 -0.21 4.40 33.25
CA ASN D 231 0.94 3.88 32.50
C ASN D 231 0.76 2.38 32.33
N ALA D 232 1.17 1.87 31.16
CA ALA D 232 1.12 0.45 30.86
C ALA D 232 2.53 0.02 30.44
N VAL D 233 2.93 -1.20 30.81
CA VAL D 233 4.26 -1.70 30.48
C VAL D 233 4.11 -2.96 29.64
N ILE D 234 4.38 -2.82 28.34
CA ILE D 234 4.27 -3.91 27.37
C ILE D 234 5.68 -4.48 27.15
N SER D 235 5.80 -5.80 27.29
CA SER D 235 7.09 -6.48 27.16
C SER D 235 7.15 -7.48 26.00
N PHE D 236 8.35 -7.57 25.39
CA PHE D 236 8.62 -8.48 24.27
C PHE D 236 10.02 -9.07 24.45
N PRO D 237 10.25 -10.30 23.95
CA PRO D 237 11.60 -10.86 24.07
C PRO D 237 12.52 -10.33 22.98
N ILE D 238 13.81 -10.65 23.06
CA ILE D 238 14.79 -10.20 22.06
C ILE D 238 15.53 -11.39 21.44
N LYS D 239 15.22 -11.68 20.18
CA LYS D 239 15.83 -12.77 19.42
C LYS D 239 16.96 -12.21 18.53
N ARG D 244 23.24 -10.79 14.83
CA ARG D 244 24.37 -11.47 14.22
C ARG D 244 23.88 -12.78 13.59
N ASP D 245 22.72 -12.72 12.95
CA ASP D 245 22.11 -13.89 12.31
C ASP D 245 21.03 -13.53 11.28
N VAL D 246 20.70 -14.48 10.41
CA VAL D 246 19.71 -14.30 9.34
C VAL D 246 18.30 -14.11 9.91
N GLY D 247 17.43 -13.43 9.16
CA GLY D 247 16.04 -13.19 9.56
C GLY D 247 15.25 -14.47 9.38
N MET D 248 15.39 -15.36 10.36
CA MET D 248 14.75 -16.69 10.35
C MET D 248 13.47 -16.75 11.22
N GLU D 249 13.13 -15.67 11.90
CA GLU D 249 11.92 -15.61 12.73
C GLU D 249 11.26 -14.25 12.61
N GLU D 250 9.95 -14.20 12.82
CA GLU D 250 9.22 -12.93 12.77
C GLU D 250 9.49 -12.05 13.96
N ASN D 251 9.77 -10.80 13.65
CA ASN D 251 10.05 -9.80 14.64
C ASN D 251 8.70 -9.25 15.09
N TYR D 252 8.17 -9.81 16.16
CA TYR D 252 6.87 -9.36 16.68
C TYR D 252 6.98 -8.05 17.43
N THR D 253 8.18 -7.71 17.92
CA THR D 253 8.36 -6.44 18.63
C THR D 253 8.18 -5.23 17.69
N VAL D 254 8.64 -5.33 16.44
CA VAL D 254 8.47 -4.19 15.51
C VAL D 254 7.01 -4.03 15.03
N LYS D 255 6.19 -5.10 15.10
CA LYS D 255 4.79 -4.99 14.70
C LYS D 255 4.10 -4.14 15.77
N PHE D 256 4.48 -4.35 17.03
CA PHE D 256 3.91 -3.57 18.11
C PHE D 256 4.19 -2.10 17.91
N GLU D 257 5.47 -1.75 17.79
CA GLU D 257 5.80 -0.32 17.61
C GLU D 257 5.24 0.26 16.32
N ASN D 258 4.89 -0.58 15.36
CA ASN D 258 4.25 -0.12 14.14
C ASN D 258 2.75 0.08 14.41
N ASP D 259 2.14 -0.84 15.18
CA ASP D 259 0.71 -0.74 15.53
C ASP D 259 0.36 0.60 16.17
N LEU D 260 1.29 1.11 17.00
CA LEU D 260 1.11 2.39 17.71
C LEU D 260 1.20 3.64 16.82
N VAL D 261 1.60 3.48 15.55
CA VAL D 261 1.75 4.61 14.64
C VAL D 261 0.50 5.46 14.52
N GLY D 262 -0.65 4.81 14.30
CA GLY D 262 -1.91 5.53 14.16
C GLY D 262 -2.71 5.69 15.45
N SER D 263 -2.09 5.37 16.59
CA SER D 263 -2.79 5.41 17.87
C SER D 263 -2.57 6.72 18.67
N ASP D 264 -3.27 6.76 19.79
CA ASP D 264 -3.26 7.86 20.76
C ASP D 264 -2.18 7.56 21.81
N LEU D 265 -1.75 6.31 21.88
CA LEU D 265 -0.75 5.86 22.83
C LEU D 265 0.61 6.44 22.53
N ARG D 266 1.22 7.03 23.54
CA ARG D 266 2.57 7.59 23.41
C ARG D 266 3.56 6.65 24.06
N ILE D 267 4.76 6.56 23.48
CA ILE D 267 5.81 5.72 24.03
C ILE D 267 6.64 6.63 24.91
N MET D 268 6.49 6.51 26.21
CA MET D 268 7.23 7.33 27.15
C MET D 268 8.70 6.93 27.19
N GLN D 269 8.94 5.63 27.26
CA GLN D 269 10.29 5.11 27.33
C GLN D 269 10.33 3.68 26.81
N LYS D 270 11.52 3.28 26.39
CA LYS D 270 11.79 1.96 25.87
C LYS D 270 13.02 1.50 26.64
N LEU D 271 12.91 0.38 27.37
CA LEU D 271 14.00 -0.15 28.18
C LEU D 271 14.42 -1.54 27.75
N LYS D 272 15.72 -1.79 27.80
CA LYS D 272 16.29 -3.09 27.45
C LYS D 272 16.93 -3.64 28.73
N LEU D 273 16.39 -4.74 29.22
CA LEU D 273 16.90 -5.39 30.43
C LEU D 273 16.93 -6.90 30.21
N GLY D 274 18.14 -7.44 30.13
CA GLY D 274 18.31 -8.86 29.85
C GLY D 274 18.02 -9.01 28.38
N ASN D 275 17.38 -10.12 28.01
CA ASN D 275 17.03 -10.37 26.62
C ASN D 275 15.53 -10.08 26.49
N GLU D 276 15.14 -8.88 26.92
CA GLU D 276 13.74 -8.50 26.90
C GLU D 276 13.59 -6.98 26.83
N MET D 277 12.69 -6.53 25.95
CA MET D 277 12.44 -5.11 25.71
C MET D 277 11.13 -4.69 26.37
N TYR D 278 11.14 -3.56 27.09
CA TYR D 278 9.97 -3.05 27.80
C TYR D 278 9.57 -1.68 27.27
N PHE D 279 8.32 -1.56 26.84
CA PHE D 279 7.78 -0.30 26.34
C PHE D 279 6.85 0.28 27.37
N ILE D 280 7.21 1.46 27.89
CA ILE D 280 6.38 2.13 28.88
C ILE D 280 5.51 3.08 28.07
N VAL D 281 4.22 2.78 28.07
CA VAL D 281 3.25 3.52 27.29
C VAL D 281 2.33 4.33 28.18
N SER D 282 2.01 5.55 27.75
CA SER D 282 1.10 6.42 28.47
C SER D 282 0.12 6.99 27.46
N ARG D 283 -0.88 7.72 27.93
CA ARG D 283 -1.91 8.23 27.05
C ARG D 283 -2.55 9.51 27.55
N LEU D 284 -2.95 10.38 26.62
CA LEU D 284 -3.57 11.66 26.95
C LEU D 284 -4.35 12.24 25.76
#